data_2K8J
#
_entry.id   2K8J
#
_entity_poly.entity_id   1
_entity_poly.type   'polypeptide(L)'
_entity_poly.pdbx_seq_one_letter_code
;RLVPGAAYALYGVWPLLLLLLALPPRAYA
;
_entity_poly.pdbx_strand_id   X
#
# COMPACT_ATOMS: atom_id res chain seq x y z
N ARG A 1 -3.52 11.13 -18.10
CA ARG A 1 -3.34 10.71 -19.53
C ARG A 1 -2.86 9.24 -19.61
N LEU A 2 -3.37 8.38 -18.76
CA LEU A 2 -2.99 6.93 -18.74
C LEU A 2 -1.47 6.77 -18.56
N VAL A 3 -1.01 6.79 -17.32
CA VAL A 3 0.46 6.64 -17.05
C VAL A 3 0.94 5.22 -17.38
N PRO A 4 2.22 5.10 -17.70
CA PRO A 4 2.81 3.78 -18.04
C PRO A 4 3.32 3.05 -16.78
N GLY A 5 2.54 3.00 -15.72
CA GLY A 5 2.99 2.31 -14.47
C GLY A 5 3.60 3.31 -13.48
N ALA A 6 4.17 4.40 -13.96
CA ALA A 6 4.81 5.41 -13.04
C ALA A 6 3.84 5.85 -11.93
N ALA A 7 2.66 6.27 -12.29
CA ALA A 7 1.66 6.70 -11.28
C ALA A 7 0.66 5.56 -10.99
N TYR A 8 1.09 4.32 -11.10
CA TYR A 8 0.18 3.17 -10.83
C TYR A 8 0.67 2.45 -9.58
N ALA A 9 1.89 1.98 -9.60
CA ALA A 9 2.46 1.27 -8.41
C ALA A 9 2.59 2.27 -7.24
N LEU A 10 3.07 3.45 -7.54
CA LEU A 10 3.22 4.52 -6.50
C LEU A 10 1.88 4.82 -5.83
N TYR A 11 0.81 4.74 -6.59
CA TYR A 11 -0.56 5.01 -6.04
C TYR A 11 -1.11 3.75 -5.35
N GLY A 12 -0.78 2.60 -5.86
CA GLY A 12 -1.27 1.31 -5.25
C GLY A 12 -0.33 0.84 -4.12
N VAL A 13 0.73 1.55 -3.81
CA VAL A 13 1.66 1.10 -2.71
C VAL A 13 1.41 1.90 -1.43
N TRP A 14 0.93 3.12 -1.53
CA TRP A 14 0.66 3.95 -0.31
C TRP A 14 -0.35 3.27 0.63
N PRO A 15 -1.47 2.81 0.11
CA PRO A 15 -2.49 2.13 0.95
C PRO A 15 -1.95 0.81 1.52
N LEU A 16 -1.00 0.18 0.85
CA LEU A 16 -0.42 -1.10 1.38
C LEU A 16 0.42 -0.77 2.61
N LEU A 17 1.25 0.24 2.51
CA LEU A 17 2.10 0.66 3.68
C LEU A 17 1.15 1.16 4.77
N LEU A 18 0.11 1.86 4.36
CA LEU A 18 -0.92 2.38 5.33
C LEU A 18 -1.53 1.16 6.03
N LEU A 19 -1.88 0.15 5.25
CA LEU A 19 -2.47 -1.11 5.81
C LEU A 19 -1.45 -1.78 6.74
N LEU A 20 -0.21 -1.78 6.32
CA LEU A 20 0.90 -2.39 7.13
C LEU A 20 1.13 -1.57 8.41
N LEU A 21 1.01 -0.26 8.33
CA LEU A 21 1.21 0.62 9.54
C LEU A 21 0.16 0.29 10.61
N ALA A 22 -1.05 0.03 10.19
CA ALA A 22 -2.15 -0.31 11.16
C ALA A 22 -2.62 -1.75 10.91
N LEU A 23 -1.70 -2.67 10.70
CA LEU A 23 -2.07 -4.09 10.45
C LEU A 23 -2.20 -4.86 11.77
N PRO A 24 -3.28 -5.60 11.88
CA PRO A 24 -3.57 -6.39 13.10
C PRO A 24 -2.90 -7.79 13.01
N PRO A 25 -2.66 -8.38 14.16
CA PRO A 25 -2.03 -9.73 14.20
C PRO A 25 -3.02 -10.82 13.75
N ARG A 26 -2.53 -11.99 13.45
CA ARG A 26 -3.42 -13.12 13.00
C ARG A 26 -4.47 -13.48 14.07
N ALA A 27 -4.15 -13.31 15.33
CA ALA A 27 -5.12 -13.64 16.42
C ALA A 27 -5.85 -12.38 16.92
N TYR A 28 -5.74 -11.26 16.21
CA TYR A 28 -6.41 -9.96 16.58
C TYR A 28 -5.75 -9.33 17.83
N ALA A 29 -5.60 -10.08 18.90
CA ALA A 29 -4.98 -9.59 20.17
C ALA A 29 -5.92 -8.60 20.89
N ARG A 1 -5.57 17.32 -15.14
CA ARG A 1 -4.53 16.79 -14.21
C ARG A 1 -4.44 15.26 -14.37
N LEU A 2 -3.29 14.76 -14.78
CA LEU A 2 -3.12 13.28 -14.97
C LEU A 2 -1.64 12.88 -14.83
N VAL A 3 -1.37 11.65 -14.48
CA VAL A 3 0.04 11.18 -14.33
C VAL A 3 0.27 9.88 -15.12
N PRO A 4 1.52 9.59 -15.40
CA PRO A 4 1.87 8.35 -16.14
C PRO A 4 1.95 7.17 -15.17
N GLY A 5 2.45 6.04 -15.61
CA GLY A 5 2.56 4.83 -14.72
C GLY A 5 3.35 5.16 -13.45
N ALA A 6 4.25 6.13 -13.51
CA ALA A 6 5.07 6.53 -12.32
C ALA A 6 4.21 6.78 -11.07
N ALA A 7 3.17 7.55 -11.22
CA ALA A 7 2.28 7.85 -10.04
C ALA A 7 1.02 6.95 -10.06
N TYR A 8 1.12 5.75 -10.58
CA TYR A 8 -0.06 4.83 -10.61
C TYR A 8 0.28 3.58 -9.79
N ALA A 9 1.32 2.88 -10.16
CA ALA A 9 1.74 1.66 -9.40
C ALA A 9 2.14 2.06 -7.98
N LEU A 10 2.80 3.19 -7.86
CA LEU A 10 3.25 3.71 -6.53
C LEU A 10 2.02 3.90 -5.62
N TYR A 11 1.00 4.55 -6.13
CA TYR A 11 -0.23 4.79 -5.32
C TYR A 11 -0.99 3.47 -5.06
N GLY A 12 -0.74 2.45 -5.85
CA GLY A 12 -1.42 1.13 -5.65
C GLY A 12 -0.86 0.45 -4.39
N VAL A 13 0.44 0.52 -4.20
CA VAL A 13 1.07 -0.13 -3.00
C VAL A 13 1.06 0.82 -1.78
N TRP A 14 0.73 2.09 -1.97
CA TRP A 14 0.71 3.05 -0.82
C TRP A 14 -0.30 2.62 0.26
N PRO A 15 -1.53 2.36 -0.13
CA PRO A 15 -2.57 1.93 0.87
C PRO A 15 -2.22 0.55 1.42
N LEU A 16 -1.57 -0.29 0.65
CA LEU A 16 -1.19 -1.65 1.17
C LEU A 16 -0.11 -1.46 2.23
N LEU A 17 0.86 -0.62 1.95
CA LEU A 17 1.95 -0.33 2.94
C LEU A 17 1.31 0.41 4.12
N LEU A 18 0.37 1.30 3.83
CA LEU A 18 -0.33 2.06 4.90
C LEU A 18 -1.06 1.03 5.78
N LEU A 19 -1.70 0.05 5.17
CA LEU A 19 -2.42 -1.01 5.94
C LEU A 19 -1.38 -1.82 6.72
N LEU A 20 -0.30 -2.15 6.06
CA LEU A 20 0.82 -2.93 6.70
C LEU A 20 1.41 -2.12 7.88
N LEU A 21 1.51 -0.82 7.73
CA LEU A 21 2.06 0.06 8.81
C LEU A 21 1.22 -0.11 10.09
N ALA A 22 -0.08 -0.05 9.95
CA ALA A 22 -0.99 -0.22 11.12
C ALA A 22 -1.82 -1.49 10.91
N LEU A 23 -1.15 -2.59 10.58
CA LEU A 23 -1.86 -3.88 10.34
C LEU A 23 -2.36 -4.49 11.66
N PRO A 24 -3.52 -5.13 11.60
CA PRO A 24 -4.13 -5.77 12.79
C PRO A 24 -3.63 -7.21 12.96
N PRO A 25 -3.03 -7.49 14.11
CA PRO A 25 -2.51 -8.85 14.40
C PRO A 25 -3.66 -9.85 14.61
N ARG A 26 -3.41 -11.11 14.36
CA ARG A 26 -4.47 -12.15 14.53
C ARG A 26 -4.15 -13.05 15.75
N ALA A 27 -3.58 -12.48 16.80
CA ALA A 27 -3.24 -13.28 18.02
C ALA A 27 -3.23 -12.37 19.26
N TYR A 28 -4.35 -11.75 19.55
CA TYR A 28 -4.43 -10.84 20.76
C TYR A 28 -5.29 -11.44 21.87
N ALA A 29 -6.22 -12.32 21.55
CA ALA A 29 -7.08 -12.95 22.60
C ALA A 29 -7.45 -14.38 22.19
N ARG A 1 -5.68 16.85 -13.98
CA ARG A 1 -4.26 16.39 -13.89
C ARG A 1 -4.22 14.85 -13.77
N LEU A 2 -3.40 14.21 -14.56
CA LEU A 2 -3.30 12.71 -14.52
C LEU A 2 -1.88 12.26 -14.87
N VAL A 3 -1.53 11.04 -14.51
CA VAL A 3 -0.15 10.51 -14.81
C VAL A 3 -0.26 9.06 -15.34
N PRO A 4 0.81 8.60 -15.97
CA PRO A 4 0.82 7.21 -16.51
C PRO A 4 0.90 6.18 -15.37
N GLY A 5 1.09 4.91 -15.70
CA GLY A 5 1.20 3.84 -14.66
C GLY A 5 2.39 4.07 -13.72
N ALA A 6 3.34 4.92 -14.11
CA ALA A 6 4.54 5.20 -13.25
C ALA A 6 4.14 5.57 -11.82
N ALA A 7 3.16 6.42 -11.66
CA ALA A 7 2.70 6.82 -10.30
C ALA A 7 1.57 5.93 -9.78
N TYR A 8 1.19 4.91 -10.51
CA TYR A 8 0.08 4.01 -10.04
C TYR A 8 0.70 2.90 -9.19
N ALA A 9 1.83 2.39 -9.60
CA ALA A 9 2.52 1.31 -8.81
C ALA A 9 3.28 1.93 -7.62
N LEU A 10 3.38 3.25 -7.57
CA LEU A 10 4.11 3.92 -6.44
C LEU A 10 3.08 4.65 -5.56
N TYR A 11 2.37 5.59 -6.13
CA TYR A 11 1.34 6.36 -5.34
C TYR A 11 0.06 5.54 -5.14
N GLY A 12 -0.22 4.61 -6.03
CA GLY A 12 -1.44 3.75 -5.89
C GLY A 12 -1.27 2.73 -4.76
N VAL A 13 -0.05 2.34 -4.44
CA VAL A 13 0.17 1.34 -3.35
C VAL A 13 0.41 2.02 -1.98
N TRP A 14 0.28 3.32 -1.89
CA TRP A 14 0.49 4.04 -0.58
C TRP A 14 -0.47 3.53 0.51
N PRO A 15 -1.75 3.49 0.21
CA PRO A 15 -2.75 3.00 1.20
C PRO A 15 -2.60 1.49 1.45
N LEU A 16 -2.12 0.74 0.47
CA LEU A 16 -1.94 -0.73 0.68
C LEU A 16 -0.85 -0.96 1.74
N LEU A 17 0.21 -0.19 1.70
CA LEU A 17 1.30 -0.33 2.71
C LEU A 17 0.73 0.11 4.06
N LEU A 18 -0.08 1.15 4.05
CA LEU A 18 -0.72 1.65 5.31
C LEU A 18 -1.66 0.53 5.81
N LEU A 19 -2.33 -0.12 4.89
CA LEU A 19 -3.25 -1.24 5.26
C LEU A 19 -2.43 -2.36 5.90
N LEU A 20 -1.27 -2.63 5.35
CA LEU A 20 -0.37 -3.70 5.89
C LEU A 20 0.15 -3.25 7.27
N LEU A 21 0.61 -2.02 7.36
CA LEU A 21 1.12 -1.48 8.65
C LEU A 21 0.00 -1.46 9.70
N ALA A 22 -1.22 -1.29 9.28
CA ALA A 22 -2.38 -1.26 10.22
C ALA A 22 -3.08 -2.64 10.26
N LEU A 23 -2.32 -3.71 10.16
CA LEU A 23 -2.92 -5.09 10.19
C LEU A 23 -2.09 -6.01 11.11
N PRO A 24 -2.25 -5.76 12.38
CA PRO A 24 -1.56 -6.53 13.46
C PRO A 24 -2.21 -7.92 13.67
N PRO A 25 -1.42 -8.96 13.58
CA PRO A 25 -1.96 -10.35 13.76
C PRO A 25 -2.31 -10.62 15.23
N ARG A 26 -1.46 -10.24 16.15
CA ARG A 26 -1.73 -10.46 17.61
C ARG A 26 -2.48 -9.26 18.20
N ALA A 27 -2.11 -8.05 17.81
CA ALA A 27 -2.77 -6.80 18.32
C ALA A 27 -2.67 -6.70 19.85
N TYR A 28 -1.53 -6.25 20.32
CA TYR A 28 -1.32 -6.11 21.80
C TYR A 28 -1.62 -4.67 22.28
N ALA A 29 -1.51 -3.69 21.41
CA ALA A 29 -1.80 -2.27 21.80
C ALA A 29 -2.79 -1.64 20.81
N ARG A 1 -4.29 10.89 -11.86
CA ARG A 1 -3.46 10.30 -12.96
C ARG A 1 -3.70 8.78 -13.06
N LEU A 2 -3.37 8.20 -14.19
CA LEU A 2 -3.57 6.72 -14.38
C LEU A 2 -2.42 6.14 -15.21
N VAL A 3 -1.43 5.58 -14.55
CA VAL A 3 -0.27 4.97 -15.28
C VAL A 3 0.08 3.62 -14.63
N PRO A 4 0.31 2.63 -15.45
CA PRO A 4 0.66 1.27 -14.95
C PRO A 4 2.14 1.17 -14.58
N GLY A 5 2.42 0.75 -13.37
CA GLY A 5 3.84 0.62 -12.90
C GLY A 5 4.28 1.90 -12.20
N ALA A 6 4.10 3.03 -12.85
CA ALA A 6 4.52 4.34 -12.24
C ALA A 6 3.50 4.79 -11.20
N ALA A 7 2.27 4.99 -11.60
CA ALA A 7 1.21 5.42 -10.64
C ALA A 7 0.81 4.28 -9.70
N TYR A 8 0.89 3.06 -10.17
CA TYR A 8 0.52 1.89 -9.30
C TYR A 8 1.53 1.76 -8.15
N ALA A 9 2.77 2.11 -8.40
CA ALA A 9 3.81 2.04 -7.33
C ALA A 9 3.69 3.24 -6.36
N LEU A 10 2.83 4.18 -6.65
CA LEU A 10 2.64 5.37 -5.76
C LEU A 10 1.21 5.34 -5.20
N TYR A 11 0.23 5.36 -6.08
CA TYR A 11 -1.21 5.34 -5.66
C TYR A 11 -1.64 3.93 -5.24
N GLY A 12 -0.99 2.91 -5.76
CA GLY A 12 -1.34 1.50 -5.41
C GLY A 12 -0.58 1.08 -4.14
N VAL A 13 0.62 1.59 -3.96
CA VAL A 13 1.43 1.23 -2.74
C VAL A 13 0.95 2.02 -1.52
N TRP A 14 0.37 3.18 -1.72
CA TRP A 14 -0.12 4.00 -0.56
C TRP A 14 -1.10 3.21 0.33
N PRO A 15 -2.14 2.64 -0.24
CA PRO A 15 -3.13 1.86 0.56
C PRO A 15 -2.48 0.59 1.13
N LEU A 16 -1.55 -0.02 0.40
CA LEU A 16 -0.88 -1.25 0.92
C LEU A 16 0.01 -0.84 2.08
N LEU A 17 0.75 0.23 1.92
CA LEU A 17 1.63 0.74 3.01
C LEU A 17 0.73 1.23 4.14
N LEU A 18 -0.38 1.85 3.80
CA LEU A 18 -1.34 2.34 4.83
C LEU A 18 -1.79 1.13 5.66
N LEU A 19 -2.10 0.03 5.01
CA LEU A 19 -2.53 -1.20 5.73
C LEU A 19 -1.32 -1.74 6.52
N LEU A 20 -0.19 -1.77 5.88
CA LEU A 20 1.07 -2.27 6.52
C LEU A 20 1.43 -1.39 7.73
N LEU A 21 1.23 -0.09 7.63
CA LEU A 21 1.54 0.85 8.76
C LEU A 21 0.73 0.45 10.00
N ALA A 22 -0.56 0.29 9.84
CA ALA A 22 -1.45 -0.11 10.97
C ALA A 22 -1.95 -1.54 10.72
N LEU A 23 -1.04 -2.45 10.40
CA LEU A 23 -1.42 -3.87 10.12
C LEU A 23 -1.89 -4.59 11.41
N PRO A 24 -2.89 -5.43 11.24
CA PRO A 24 -3.47 -6.19 12.37
C PRO A 24 -2.69 -7.51 12.60
N PRO A 25 -2.85 -8.07 13.79
CA PRO A 25 -2.15 -9.34 14.13
C PRO A 25 -2.83 -10.54 13.44
N ARG A 26 -2.34 -11.73 13.69
CA ARG A 26 -2.94 -12.95 13.05
C ARG A 26 -4.28 -13.26 13.73
N ALA A 27 -4.28 -13.64 14.99
CA ALA A 27 -5.56 -13.95 15.71
C ALA A 27 -5.34 -13.96 17.24
N TYR A 28 -4.65 -12.97 17.77
CA TYR A 28 -4.41 -12.92 19.25
C TYR A 28 -4.08 -11.49 19.72
N ALA A 29 -2.97 -10.94 19.29
CA ALA A 29 -2.59 -9.55 19.72
C ALA A 29 -1.50 -8.97 18.79
N ARG A 1 -3.22 14.68 -19.87
CA ARG A 1 -3.48 13.32 -19.28
C ARG A 1 -2.96 13.27 -17.84
N LEU A 2 -3.35 12.25 -17.10
CA LEU A 2 -2.89 12.11 -15.68
C LEU A 2 -1.49 11.46 -15.65
N VAL A 3 -1.03 11.05 -14.48
CA VAL A 3 0.33 10.41 -14.38
C VAL A 3 0.38 9.14 -15.25
N PRO A 4 1.39 9.03 -16.08
CA PRO A 4 1.54 7.85 -16.98
C PRO A 4 2.12 6.63 -16.23
N GLY A 5 1.42 6.13 -15.23
CA GLY A 5 1.92 4.95 -14.46
C GLY A 5 2.77 5.37 -13.26
N ALA A 6 3.50 6.47 -13.36
CA ALA A 6 4.38 6.95 -12.23
C ALA A 6 3.63 6.95 -10.89
N ALA A 7 2.48 7.56 -10.84
CA ALA A 7 1.69 7.61 -9.57
C ALA A 7 0.57 6.55 -9.58
N TYR A 8 0.76 5.46 -10.29
CA TYR A 8 -0.29 4.39 -10.34
C TYR A 8 0.22 3.19 -9.54
N ALA A 9 1.34 2.64 -9.95
CA ALA A 9 1.92 1.46 -9.23
C ALA A 9 2.36 1.89 -7.82
N LEU A 10 2.94 3.06 -7.73
CA LEU A 10 3.40 3.61 -6.41
C LEU A 10 2.19 3.78 -5.48
N TYR A 11 1.11 4.34 -5.99
CA TYR A 11 -0.13 4.54 -5.15
C TYR A 11 -0.88 3.22 -4.92
N GLY A 12 -0.41 2.12 -5.49
CA GLY A 12 -1.08 0.80 -5.30
C GLY A 12 -0.42 0.09 -4.10
N VAL A 13 0.84 0.38 -3.84
CA VAL A 13 1.55 -0.27 -2.69
C VAL A 13 1.72 0.71 -1.51
N TRP A 14 1.58 2.00 -1.73
CA TRP A 14 1.75 2.99 -0.62
C TRP A 14 0.62 2.86 0.43
N PRO A 15 -0.63 2.89 0.01
CA PRO A 15 -1.76 2.76 0.97
C PRO A 15 -1.84 1.31 1.49
N LEU A 16 -1.49 0.34 0.68
CA LEU A 16 -1.54 -1.09 1.12
C LEU A 16 -0.49 -1.30 2.22
N LEU A 17 0.69 -0.78 2.02
CA LEU A 17 1.77 -0.91 3.04
C LEU A 17 1.33 -0.15 4.30
N LEU A 18 0.69 0.98 4.10
CA LEU A 18 0.18 1.78 5.26
C LEU A 18 -0.91 0.95 5.97
N LEU A 19 -1.74 0.28 5.19
CA LEU A 19 -2.81 -0.58 5.77
C LEU A 19 -2.14 -1.74 6.51
N LEU A 20 -1.09 -2.29 5.94
CA LEU A 20 -0.35 -3.42 6.60
C LEU A 20 0.35 -2.89 7.86
N LEU A 21 0.94 -1.72 7.77
CA LEU A 21 1.64 -1.11 8.95
C LEU A 21 0.64 -0.88 10.08
N ALA A 22 -0.57 -0.49 9.73
CA ALA A 22 -1.63 -0.25 10.75
C ALA A 22 -2.53 -1.51 10.88
N LEU A 23 -1.93 -2.68 10.83
CA LEU A 23 -2.72 -3.96 10.95
C LEU A 23 -2.06 -4.90 11.98
N PRO A 24 -2.22 -4.52 13.22
CA PRO A 24 -1.66 -5.28 14.38
C PRO A 24 -2.29 -6.68 14.57
N PRO A 25 -3.58 -6.86 14.38
CA PRO A 25 -4.18 -8.22 14.56
C PRO A 25 -3.74 -9.16 13.41
N ARG A 26 -4.11 -10.42 13.49
CA ARG A 26 -3.71 -11.38 12.40
C ARG A 26 -4.50 -11.07 11.12
N ALA A 27 -5.80 -11.31 11.12
CA ALA A 27 -6.65 -11.03 9.92
C ALA A 27 -8.15 -11.03 10.29
N TYR A 28 -8.50 -10.56 11.47
CA TYR A 28 -9.95 -10.54 11.89
C TYR A 28 -10.20 -9.53 13.02
N ALA A 29 -9.31 -9.44 14.01
CA ALA A 29 -9.47 -8.49 15.16
C ALA A 29 -10.76 -8.78 15.94
N ARG A 1 16.26 9.50 -11.39
CA ARG A 1 16.37 9.00 -12.80
C ARG A 1 15.57 7.69 -12.96
N LEU A 2 15.05 7.46 -14.15
CA LEU A 2 14.25 6.21 -14.46
C LEU A 2 12.96 6.14 -13.63
N VAL A 3 12.12 5.17 -13.89
CA VAL A 3 10.84 5.04 -13.14
C VAL A 3 10.60 3.57 -12.72
N PRO A 4 10.19 3.37 -11.48
CA PRO A 4 9.93 1.99 -10.98
C PRO A 4 8.65 1.41 -11.59
N GLY A 5 7.58 2.15 -11.53
CA GLY A 5 6.27 1.69 -12.09
C GLY A 5 5.49 2.87 -12.64
N ALA A 6 6.18 3.79 -13.29
CA ALA A 6 5.53 5.01 -13.88
C ALA A 6 4.62 5.71 -12.87
N ALA A 7 5.07 5.82 -11.62
CA ALA A 7 4.25 6.48 -10.54
C ALA A 7 2.83 5.87 -10.44
N TYR A 8 2.68 4.61 -10.77
CA TYR A 8 1.34 3.95 -10.71
C TYR A 8 1.30 2.98 -9.53
N ALA A 9 2.26 2.08 -9.47
CA ALA A 9 2.31 1.09 -8.35
C ALA A 9 2.58 1.83 -7.02
N LEU A 10 3.41 2.85 -7.07
CA LEU A 10 3.73 3.64 -5.84
C LEU A 10 2.45 4.32 -5.32
N TYR A 11 1.73 4.97 -6.21
CA TYR A 11 0.46 5.66 -5.79
C TYR A 11 -0.61 4.64 -5.39
N GLY A 12 -0.62 3.49 -6.03
CA GLY A 12 -1.61 2.42 -5.71
C GLY A 12 -1.22 1.70 -4.41
N VAL A 13 0.05 1.61 -4.09
CA VAL A 13 0.49 0.91 -2.85
C VAL A 13 0.39 1.81 -1.59
N TRP A 14 -0.03 3.06 -1.74
CA TRP A 14 -0.16 3.98 -0.56
C TRP A 14 -1.11 3.41 0.51
N PRO A 15 -2.33 3.06 0.11
CA PRO A 15 -3.30 2.49 1.09
C PRO A 15 -2.87 1.09 1.55
N LEU A 16 -2.09 0.38 0.76
CA LEU A 16 -1.62 -0.99 1.16
C LEU A 16 -0.71 -0.86 2.38
N LEU A 17 0.21 0.08 2.35
CA LEU A 17 1.13 0.30 3.52
C LEU A 17 0.28 0.78 4.70
N LEU A 18 -0.73 1.56 4.43
CA LEU A 18 -1.64 2.07 5.51
C LEU A 18 -2.39 0.84 6.08
N LEU A 19 -2.82 -0.04 5.20
CA LEU A 19 -3.54 -1.28 5.65
C LEU A 19 -2.55 -2.15 6.42
N LEU A 20 -1.33 -2.22 5.95
CA LEU A 20 -0.26 -3.03 6.63
C LEU A 20 0.03 -2.41 8.01
N LEU A 21 0.18 -1.10 8.07
CA LEU A 21 0.47 -0.43 9.38
C LEU A 21 -0.74 -0.58 10.32
N ALA A 22 -1.92 -0.70 9.77
CA ALA A 22 -3.15 -0.87 10.60
C ALA A 22 -3.51 -2.36 10.75
N LEU A 23 -2.52 -3.24 10.76
CA LEU A 23 -2.79 -4.71 10.90
C LEU A 23 -1.76 -5.36 11.85
N PRO A 24 -1.85 -4.92 13.08
CA PRO A 24 -0.95 -5.41 14.17
C PRO A 24 -1.16 -6.89 14.57
N PRO A 25 -2.39 -7.38 14.66
CA PRO A 25 -2.60 -8.81 15.04
C PRO A 25 -2.15 -9.74 13.90
N ARG A 26 -1.64 -10.90 14.25
CA ARG A 26 -1.18 -11.87 13.21
C ARG A 26 -1.95 -13.20 13.24
N ALA A 27 -2.87 -13.39 14.15
CA ALA A 27 -3.65 -14.67 14.22
C ALA A 27 -5.09 -14.46 13.71
N TYR A 28 -5.24 -13.83 12.58
CA TYR A 28 -6.61 -13.57 12.01
C TYR A 28 -6.63 -13.81 10.49
N ALA A 29 -5.74 -14.62 9.97
CA ALA A 29 -5.70 -14.88 8.50
C ALA A 29 -5.14 -16.28 8.22
N ARG A 1 4.62 14.04 -18.23
CA ARG A 1 4.45 12.55 -18.31
C ARG A 1 4.45 11.93 -16.90
N LEU A 2 3.66 10.90 -16.70
CA LEU A 2 3.61 10.23 -15.36
C LEU A 2 4.37 8.89 -15.39
N VAL A 3 5.36 8.77 -16.26
CA VAL A 3 6.20 7.52 -16.40
C VAL A 3 5.32 6.27 -16.69
N PRO A 4 5.95 5.11 -16.82
CA PRO A 4 5.19 3.86 -17.09
C PRO A 4 4.45 3.35 -15.83
N GLY A 5 4.08 2.08 -15.82
CA GLY A 5 3.36 1.47 -14.65
C GLY A 5 4.11 1.65 -13.32
N ALA A 6 5.40 1.93 -13.35
CA ALA A 6 6.19 2.12 -12.08
C ALA A 6 5.51 3.13 -11.15
N ALA A 7 4.98 4.20 -11.70
CA ALA A 7 4.29 5.23 -10.87
C ALA A 7 2.98 4.66 -10.32
N TYR A 8 2.25 3.92 -11.13
CA TYR A 8 0.96 3.31 -10.67
C TYR A 8 1.18 2.43 -9.44
N ALA A 9 2.32 1.77 -9.38
CA ALA A 9 2.64 0.89 -8.21
C ALA A 9 3.05 1.77 -7.02
N LEU A 10 3.89 2.75 -7.26
CA LEU A 10 4.34 3.67 -6.16
C LEU A 10 3.16 4.48 -5.64
N TYR A 11 2.34 5.00 -6.53
CA TYR A 11 1.14 5.80 -6.11
C TYR A 11 -0.06 4.90 -5.82
N GLY A 12 0.13 3.59 -5.72
CA GLY A 12 -1.00 2.66 -5.43
C GLY A 12 -0.78 1.91 -4.10
N VAL A 13 0.37 2.06 -3.46
CA VAL A 13 0.63 1.36 -2.16
C VAL A 13 0.44 2.29 -0.94
N TRP A 14 0.07 3.54 -1.15
CA TRP A 14 -0.12 4.50 -0.01
C TRP A 14 -1.23 3.98 0.94
N PRO A 15 -2.40 3.68 0.39
CA PRO A 15 -3.52 3.18 1.25
C PRO A 15 -3.21 1.76 1.75
N LEU A 16 -2.38 1.00 1.05
CA LEU A 16 -2.03 -0.37 1.50
C LEU A 16 -1.26 -0.27 2.82
N LEU A 17 -0.30 0.62 2.88
CA LEU A 17 0.51 0.81 4.12
C LEU A 17 -0.43 1.33 5.23
N LEU A 18 -1.36 2.17 4.85
CA LEU A 18 -2.35 2.73 5.83
C LEU A 18 -3.20 1.55 6.33
N LEU A 19 -3.58 0.67 5.43
CA LEU A 19 -4.38 -0.54 5.81
C LEU A 19 -3.49 -1.43 6.68
N LEU A 20 -2.25 -1.58 6.28
CA LEU A 20 -1.26 -2.42 7.03
C LEU A 20 -1.08 -1.82 8.43
N LEU A 21 -1.00 -0.50 8.52
CA LEU A 21 -0.84 0.18 9.85
C LEU A 21 -2.05 -0.15 10.73
N ALA A 22 -3.20 -0.21 10.13
CA ALA A 22 -4.46 -0.55 10.88
C ALA A 22 -4.73 -2.06 10.78
N LEU A 23 -3.70 -2.87 10.66
CA LEU A 23 -3.87 -4.36 10.56
C LEU A 23 -2.80 -5.06 11.41
N PRO A 24 -3.22 -6.07 12.13
CA PRO A 24 -2.30 -6.86 13.00
C PRO A 24 -1.64 -7.99 12.21
N PRO A 25 -0.33 -7.93 12.07
CA PRO A 25 0.42 -8.98 11.31
C PRO A 25 0.56 -10.26 12.15
N ARG A 26 1.06 -11.31 11.54
CA ARG A 26 1.24 -12.61 12.27
C ARG A 26 2.64 -13.19 12.02
N ALA A 27 3.01 -13.35 10.76
CA ALA A 27 4.36 -13.90 10.43
C ALA A 27 4.92 -13.23 9.17
N TYR A 28 4.93 -11.90 9.15
CA TYR A 28 5.44 -11.08 7.99
C TYR A 28 4.45 -11.08 6.81
N ALA A 29 3.83 -12.19 6.50
CA ALA A 29 2.86 -12.24 5.37
C ALA A 29 1.53 -12.86 5.82
N ARG A 1 1.71 17.67 -14.58
CA ARG A 1 2.86 16.79 -14.21
C ARG A 1 2.69 15.40 -14.85
N LEU A 2 3.77 14.81 -15.31
CA LEU A 2 3.69 13.45 -15.94
C LEU A 2 4.59 12.46 -15.18
N VAL A 3 4.05 11.32 -14.84
CA VAL A 3 4.86 10.29 -14.08
C VAL A 3 4.76 8.91 -14.76
N PRO A 4 5.87 8.21 -14.79
CA PRO A 4 5.91 6.85 -15.42
C PRO A 4 5.36 5.79 -14.44
N GLY A 5 5.61 4.52 -14.73
CA GLY A 5 5.12 3.40 -13.85
C GLY A 5 5.53 3.61 -12.37
N ALA A 6 6.58 4.37 -12.13
CA ALA A 6 7.04 4.64 -10.72
C ALA A 6 5.89 5.19 -9.85
N ALA A 7 4.95 5.88 -10.44
CA ALA A 7 3.80 6.44 -9.68
C ALA A 7 2.51 5.63 -9.93
N TYR A 8 2.62 4.39 -10.34
CA TYR A 8 1.40 3.56 -10.59
C TYR A 8 1.36 2.46 -9.53
N ALA A 9 2.35 1.60 -9.53
CA ALA A 9 2.40 0.49 -8.52
C ALA A 9 2.51 1.10 -7.12
N LEU A 10 3.31 2.13 -6.99
CA LEU A 10 3.50 2.84 -5.67
C LEU A 10 2.16 3.39 -5.17
N TYR A 11 1.41 4.03 -6.05
CA TYR A 11 0.08 4.61 -5.68
C TYR A 11 -0.88 3.52 -5.22
N GLY A 12 -0.76 2.32 -5.78
CA GLY A 12 -1.66 1.20 -5.39
C GLY A 12 -1.26 0.70 -3.99
N VAL A 13 0.03 0.65 -3.70
CA VAL A 13 0.49 0.18 -2.36
C VAL A 13 0.37 1.31 -1.32
N TRP A 14 0.20 2.54 -1.73
CA TRP A 14 0.06 3.67 -0.75
C TRP A 14 -1.10 3.43 0.23
N PRO A 15 -2.31 3.24 -0.28
CA PRO A 15 -3.48 3.01 0.62
C PRO A 15 -3.38 1.61 1.27
N LEU A 16 -2.83 0.64 0.59
CA LEU A 16 -2.71 -0.73 1.19
C LEU A 16 -1.70 -0.69 2.35
N LEU A 17 -0.56 -0.10 2.11
CA LEU A 17 0.47 0.02 3.19
C LEU A 17 -0.08 0.91 4.30
N LEU A 18 -0.82 1.93 3.94
CA LEU A 18 -1.42 2.85 4.96
C LEU A 18 -2.40 2.03 5.81
N LEU A 19 -3.11 1.10 5.20
CA LEU A 19 -4.07 0.25 5.96
C LEU A 19 -3.27 -0.77 6.76
N LEU A 20 -2.29 -1.37 6.13
CA LEU A 20 -1.42 -2.39 6.81
C LEU A 20 -0.67 -1.76 7.99
N LEU A 21 -0.26 -0.51 7.88
CA LEU A 21 0.47 0.17 8.99
C LEU A 21 -0.39 0.21 10.26
N ALA A 22 -1.68 0.37 10.11
CA ALA A 22 -2.59 0.40 11.30
C ALA A 22 -3.23 -0.98 11.53
N LEU A 23 -2.65 -2.04 10.99
CA LEU A 23 -3.20 -3.41 11.18
C LEU A 23 -2.09 -4.35 11.66
N PRO A 24 -2.42 -5.17 12.63
CA PRO A 24 -1.46 -6.14 13.21
C PRO A 24 -1.39 -7.41 12.36
N PRO A 25 -0.19 -7.93 12.17
CA PRO A 25 0.01 -9.17 11.37
C PRO A 25 -0.49 -10.41 12.13
N ARG A 26 -0.44 -11.56 11.50
CA ARG A 26 -0.90 -12.81 12.17
C ARG A 26 0.28 -13.75 12.49
N ALA A 27 1.49 -13.43 12.05
CA ALA A 27 2.67 -14.30 12.34
C ALA A 27 3.77 -13.47 13.00
N TYR A 28 3.47 -12.88 14.14
CA TYR A 28 4.48 -12.04 14.86
C TYR A 28 4.81 -12.61 16.26
N ALA A 29 4.09 -13.60 16.74
CA ALA A 29 4.39 -14.17 18.08
C ALA A 29 5.06 -15.55 17.94
N ARG A 1 4.38 15.58 -16.08
CA ARG A 1 5.57 15.61 -15.18
C ARG A 1 6.21 14.22 -15.06
N LEU A 2 6.30 13.49 -16.15
CA LEU A 2 6.90 12.11 -16.17
C LEU A 2 6.17 11.15 -15.22
N VAL A 3 5.32 10.30 -15.75
CA VAL A 3 4.57 9.33 -14.88
C VAL A 3 5.27 7.96 -14.83
N PRO A 4 5.72 7.58 -13.66
CA PRO A 4 6.42 6.27 -13.49
C PRO A 4 5.38 5.14 -13.45
N GLY A 5 5.07 4.56 -14.59
CA GLY A 5 4.05 3.45 -14.64
C GLY A 5 2.67 4.00 -14.30
N ALA A 6 2.38 5.22 -14.70
CA ALA A 6 1.04 5.84 -14.41
C ALA A 6 0.70 5.73 -12.91
N ALA A 7 1.69 5.96 -12.06
CA ALA A 7 1.50 5.87 -10.56
C ALA A 7 1.10 4.45 -10.10
N TYR A 8 1.35 3.42 -10.89
CA TYR A 8 0.98 2.03 -10.46
C TYR A 8 1.84 1.60 -9.27
N ALA A 9 3.09 2.00 -9.25
CA ALA A 9 3.99 1.64 -8.11
C ALA A 9 3.80 2.63 -6.94
N LEU A 10 2.81 3.49 -7.01
CA LEU A 10 2.56 4.50 -5.93
C LEU A 10 1.17 4.25 -5.35
N TYR A 11 0.17 4.15 -6.20
CA TYR A 11 -1.25 3.90 -5.75
C TYR A 11 -1.36 2.61 -4.91
N GLY A 12 -0.45 1.68 -5.07
CA GLY A 12 -0.49 0.41 -4.30
C GLY A 12 0.48 0.49 -3.10
N VAL A 13 1.63 1.10 -3.27
CA VAL A 13 2.62 1.22 -2.16
C VAL A 13 2.13 2.18 -1.05
N TRP A 14 1.40 3.20 -1.41
CA TRP A 14 0.88 4.18 -0.41
C TRP A 14 -0.06 3.48 0.60
N PRO A 15 -1.09 2.82 0.11
CA PRO A 15 -2.05 2.11 1.01
C PRO A 15 -1.37 0.93 1.71
N LEU A 16 -0.32 0.36 1.13
CA LEU A 16 0.39 -0.78 1.78
C LEU A 16 1.05 -0.28 3.06
N LEU A 17 1.67 0.88 3.01
CA LEU A 17 2.32 1.46 4.23
C LEU A 17 1.21 1.77 5.23
N LEU A 18 0.09 2.24 4.74
CA LEU A 18 -1.08 2.55 5.63
C LEU A 18 -1.57 1.22 6.22
N LEU A 19 -1.61 0.19 5.40
CA LEU A 19 -2.03 -1.16 5.86
C LEU A 19 -1.00 -1.71 6.86
N LEU A 20 0.24 -1.34 6.67
CA LEU A 20 1.35 -1.79 7.58
C LEU A 20 1.26 -0.98 8.89
N LEU A 21 1.00 0.31 8.78
CA LEU A 21 0.88 1.17 10.01
C LEU A 21 -0.31 0.69 10.84
N ALA A 22 -1.42 0.45 10.19
CA ALA A 22 -2.65 -0.04 10.89
C ALA A 22 -2.87 -1.51 10.50
N LEU A 23 -1.84 -2.32 10.59
CA LEU A 23 -1.95 -3.76 10.22
C LEU A 23 -2.81 -4.54 11.23
N PRO A 24 -3.56 -5.50 10.71
CA PRO A 24 -4.45 -6.35 11.55
C PRO A 24 -3.70 -7.58 12.11
N PRO A 25 -4.39 -8.36 12.93
CA PRO A 25 -3.76 -9.58 13.52
C PRO A 25 -3.52 -10.66 12.46
N ARG A 26 -2.87 -11.73 12.84
CA ARG A 26 -2.58 -12.84 11.87
C ARG A 26 -3.81 -13.77 11.73
N ALA A 27 -4.74 -13.73 12.66
CA ALA A 27 -5.95 -14.61 12.60
C ALA A 27 -7.15 -13.84 13.18
N TYR A 28 -7.66 -12.88 12.43
CA TYR A 28 -8.83 -12.08 12.92
C TYR A 28 -10.11 -12.92 12.96
N ALA A 29 -10.34 -13.77 11.97
CA ALA A 29 -11.56 -14.66 11.93
C ALA A 29 -12.89 -13.88 12.11
N ARG A 1 1.99 12.52 -9.86
CA ARG A 1 1.47 13.21 -11.08
C ARG A 1 2.48 13.09 -12.23
N LEU A 2 1.99 12.86 -13.44
CA LEU A 2 2.87 12.71 -14.64
C LEU A 2 4.00 11.70 -14.40
N VAL A 3 3.66 10.45 -14.21
CA VAL A 3 4.69 9.39 -13.96
C VAL A 3 4.26 8.05 -14.58
N PRO A 4 5.25 7.20 -14.83
CA PRO A 4 4.98 5.86 -15.43
C PRO A 4 4.61 4.84 -14.33
N GLY A 5 4.63 3.56 -14.67
CA GLY A 5 4.30 2.47 -13.69
C GLY A 5 5.13 2.62 -12.40
N ALA A 6 6.35 3.14 -12.49
CA ALA A 6 7.22 3.33 -11.30
C ALA A 6 6.48 4.04 -10.16
N ALA A 7 5.65 4.99 -10.49
CA ALA A 7 4.86 5.74 -9.46
C ALA A 7 3.41 5.25 -9.44
N TYR A 8 2.87 4.87 -10.57
CA TYR A 8 1.45 4.36 -10.61
C TYR A 8 1.28 3.17 -9.65
N ALA A 9 2.18 2.22 -9.73
CA ALA A 9 2.12 1.02 -8.83
C ALA A 9 2.22 1.50 -7.37
N LEU A 10 3.06 2.48 -7.14
CA LEU A 10 3.24 3.06 -5.77
C LEU A 10 1.93 3.66 -5.28
N TYR A 11 1.21 4.35 -6.14
CA TYR A 11 -0.11 4.97 -5.75
C TYR A 11 -1.09 3.88 -5.30
N GLY A 12 -1.05 2.74 -5.93
CA GLY A 12 -1.95 1.61 -5.55
C GLY A 12 -1.50 1.00 -4.21
N VAL A 13 -0.21 0.98 -3.94
CA VAL A 13 0.29 0.41 -2.65
C VAL A 13 0.22 1.45 -1.52
N TRP A 14 0.00 2.71 -1.84
CA TRP A 14 -0.09 3.79 -0.79
C TRP A 14 -1.17 3.45 0.27
N PRO A 15 -2.40 3.22 -0.17
CA PRO A 15 -3.48 2.88 0.79
C PRO A 15 -3.23 1.52 1.44
N LEU A 16 -2.53 0.62 0.76
CA LEU A 16 -2.23 -0.73 1.34
C LEU A 16 -1.34 -0.54 2.57
N LEU A 17 -0.33 0.29 2.45
CA LEU A 17 0.58 0.57 3.61
C LEU A 17 -0.24 1.24 4.71
N LEU A 18 -1.13 2.13 4.33
CA LEU A 18 -2.01 2.83 5.30
C LEU A 18 -2.88 1.78 6.00
N LEU A 19 -3.36 0.80 5.26
CA LEU A 19 -4.20 -0.29 5.85
C LEU A 19 -3.31 -1.17 6.73
N LEU A 20 -2.13 -1.48 6.25
CA LEU A 20 -1.18 -2.33 7.03
C LEU A 20 -0.81 -1.63 8.35
N LEU A 21 -0.65 -0.33 8.33
CA LEU A 21 -0.30 0.44 9.57
C LEU A 21 -1.32 0.16 10.68
N ALA A 22 -2.57 0.07 10.33
CA ALA A 22 -3.64 -0.21 11.35
C ALA A 22 -3.93 -1.73 11.43
N LEU A 23 -3.02 -2.56 10.95
CA LEU A 23 -3.21 -4.04 10.99
C LEU A 23 -2.03 -4.67 11.76
N PRO A 24 -2.31 -5.77 12.43
CA PRO A 24 -1.29 -6.50 13.21
C PRO A 24 -0.54 -7.52 12.33
N PRO A 25 0.65 -7.88 12.77
CA PRO A 25 1.47 -8.86 12.01
C PRO A 25 0.88 -10.27 12.14
N ARG A 26 1.00 -11.07 11.11
CA ARG A 26 0.46 -12.47 11.11
C ARG A 26 -1.07 -12.45 11.32
N ALA A 27 -1.74 -11.51 10.71
CA ALA A 27 -3.23 -11.41 10.85
C ALA A 27 -3.89 -11.54 9.47
N TYR A 28 -3.58 -12.62 8.77
CA TYR A 28 -4.17 -12.84 7.41
C TYR A 28 -4.25 -14.35 7.12
N ALA A 29 -3.14 -15.04 7.22
CA ALA A 29 -3.11 -16.51 6.95
C ALA A 29 -2.18 -17.23 7.95
N ARG A 1 -4.48 17.99 -12.35
CA ARG A 1 -4.07 16.70 -13.00
C ARG A 1 -3.35 15.80 -11.99
N LEU A 2 -3.29 14.51 -12.26
CA LEU A 2 -2.60 13.56 -11.33
C LEU A 2 -1.30 13.04 -11.99
N VAL A 3 -0.58 12.18 -11.31
CA VAL A 3 0.70 11.64 -11.89
C VAL A 3 0.38 10.61 -12.99
N PRO A 4 1.35 10.37 -13.85
CA PRO A 4 1.18 9.38 -14.94
C PRO A 4 1.42 7.96 -14.41
N GLY A 5 1.53 6.98 -15.28
CA GLY A 5 1.78 5.57 -14.85
C GLY A 5 3.01 5.48 -13.93
N ALA A 6 3.99 6.34 -14.16
CA ALA A 6 5.25 6.36 -13.33
C ALA A 6 4.95 6.31 -11.83
N ALA A 7 4.15 7.23 -11.36
CA ALA A 7 3.80 7.26 -9.90
C ALA A 7 2.38 6.72 -9.65
N TYR A 8 1.70 6.22 -10.67
CA TYR A 8 0.32 5.67 -10.45
C TYR A 8 0.42 4.33 -9.73
N ALA A 9 1.37 3.52 -10.11
CA ALA A 9 1.55 2.19 -9.44
C ALA A 9 2.16 2.39 -8.06
N LEU A 10 3.09 3.31 -7.95
CA LEU A 10 3.76 3.60 -6.63
C LEU A 10 2.72 4.13 -5.64
N TYR A 11 1.79 4.93 -6.09
CA TYR A 11 0.74 5.48 -5.18
C TYR A 11 -0.42 4.48 -4.98
N GLY A 12 -0.33 3.30 -5.56
CA GLY A 12 -1.41 2.28 -5.41
C GLY A 12 -0.98 1.24 -4.37
N VAL A 13 0.28 0.85 -4.38
CA VAL A 13 0.78 -0.16 -3.38
C VAL A 13 1.06 0.50 -2.02
N TRP A 14 1.37 1.77 -2.01
CA TRP A 14 1.66 2.51 -0.73
C TRP A 14 0.47 2.45 0.26
N PRO A 15 -0.72 2.81 -0.19
CA PRO A 15 -1.92 2.78 0.70
C PRO A 15 -2.25 1.35 1.15
N LEU A 16 -1.92 0.35 0.37
CA LEU A 16 -2.20 -1.06 0.79
C LEU A 16 -1.25 -1.40 1.94
N LEU A 17 0.00 -1.03 1.79
CA LEU A 17 1.00 -1.28 2.87
C LEU A 17 0.63 -0.40 4.07
N LEU A 18 0.16 0.80 3.80
CA LEU A 18 -0.27 1.74 4.88
C LEU A 18 -1.40 1.05 5.64
N LEU A 19 -2.34 0.45 4.92
CA LEU A 19 -3.48 -0.26 5.58
C LEU A 19 -2.93 -1.48 6.32
N LEU A 20 -2.05 -2.20 5.66
CA LEU A 20 -1.40 -3.41 6.28
C LEU A 20 -0.64 -3.02 7.56
N LEU A 21 -0.02 -1.85 7.56
CA LEU A 21 0.75 -1.38 8.77
C LEU A 21 -0.17 -1.20 9.98
N ALA A 22 -1.45 -0.96 9.76
CA ALA A 22 -2.40 -0.78 10.89
C ALA A 22 -3.34 -1.99 11.05
N LEU A 23 -2.99 -3.13 10.50
CA LEU A 23 -3.86 -4.34 10.63
C LEU A 23 -3.06 -5.57 11.11
N PRO A 24 -2.41 -5.40 12.24
CA PRO A 24 -1.59 -6.48 12.86
C PRO A 24 -2.49 -7.59 13.44
N PRO A 25 -2.12 -8.83 13.19
CA PRO A 25 -2.92 -9.98 13.69
C PRO A 25 -2.62 -10.27 15.17
N ARG A 26 -1.51 -10.86 15.47
CA ARG A 26 -1.15 -11.18 16.90
C ARG A 26 0.05 -10.34 17.36
N ALA A 27 0.88 -9.86 16.46
CA ALA A 27 2.06 -9.02 16.85
C ALA A 27 1.70 -7.53 16.81
N TYR A 28 0.55 -7.17 17.35
CA TYR A 28 0.11 -5.74 17.37
C TYR A 28 0.70 -4.98 18.57
N ALA A 29 1.11 -5.68 19.62
CA ALA A 29 1.69 -5.05 20.85
C ALA A 29 0.63 -4.22 21.59
N ARG A 1 3.62 13.16 -9.96
CA ARG A 1 3.87 12.89 -11.42
C ARG A 1 5.36 12.66 -11.68
N LEU A 2 5.73 11.45 -11.99
CA LEU A 2 7.17 11.12 -12.27
C LEU A 2 7.24 9.90 -13.22
N VAL A 3 8.06 8.90 -12.93
CA VAL A 3 8.16 7.69 -13.81
C VAL A 3 6.79 7.02 -13.98
N PRO A 4 6.62 6.31 -15.07
CA PRO A 4 5.33 5.62 -15.35
C PRO A 4 5.06 4.43 -14.40
N GLY A 5 5.44 3.23 -14.78
CA GLY A 5 5.20 2.02 -13.93
C GLY A 5 5.78 2.18 -12.50
N ALA A 6 6.96 2.73 -12.37
CA ALA A 6 7.57 2.90 -11.00
C ALA A 6 6.78 3.88 -10.10
N ALA A 7 5.85 4.63 -10.65
CA ALA A 7 5.06 5.60 -9.81
C ALA A 7 3.55 5.34 -9.98
N TYR A 8 3.17 4.15 -10.38
CA TYR A 8 1.72 3.82 -10.56
C TYR A 8 1.36 2.75 -9.52
N ALA A 9 2.04 1.64 -9.56
CA ALA A 9 1.78 0.53 -8.58
C ALA A 9 2.21 0.99 -7.18
N LEU A 10 3.31 1.69 -7.10
CA LEU A 10 3.81 2.22 -5.79
C LEU A 10 2.80 3.22 -5.21
N TYR A 11 2.19 4.00 -6.06
CA TYR A 11 1.18 5.00 -5.59
C TYR A 11 -0.14 4.30 -5.28
N GLY A 12 -0.41 3.20 -5.95
CA GLY A 12 -1.67 2.43 -5.71
C GLY A 12 -1.62 1.73 -4.34
N VAL A 13 -0.44 1.35 -3.89
CA VAL A 13 -0.32 0.66 -2.55
C VAL A 13 -0.23 1.66 -1.38
N TRP A 14 -0.35 2.95 -1.64
CA TRP A 14 -0.27 3.97 -0.53
C TRP A 14 -1.33 3.69 0.56
N PRO A 15 -2.58 3.54 0.15
CA PRO A 15 -3.67 3.25 1.14
C PRO A 15 -3.51 1.83 1.71
N LEU A 16 -2.88 0.93 0.98
CA LEU A 16 -2.67 -0.47 1.49
C LEU A 16 -1.75 -0.40 2.71
N LEU A 17 -0.71 0.40 2.65
CA LEU A 17 0.23 0.54 3.80
C LEU A 17 -0.55 1.20 4.94
N LEU A 18 -1.40 2.15 4.60
CA LEU A 18 -2.23 2.85 5.63
C LEU A 18 -3.18 1.80 6.23
N LEU A 19 -3.69 0.91 5.40
CA LEU A 19 -4.60 -0.18 5.87
C LEU A 19 -3.77 -1.14 6.72
N LEU A 20 -2.57 -1.42 6.27
CA LEU A 20 -1.62 -2.32 7.01
C LEU A 20 -1.32 -1.72 8.40
N LEU A 21 -1.21 -0.40 8.47
CA LEU A 21 -0.92 0.28 9.77
C LEU A 21 -1.99 -0.07 10.81
N ALA A 22 -3.23 -0.19 10.38
CA ALA A 22 -4.34 -0.54 11.33
C ALA A 22 -4.59 -2.07 11.32
N LEU A 23 -3.62 -2.84 10.85
CA LEU A 23 -3.76 -4.33 10.79
C LEU A 23 -2.61 -4.97 11.59
N PRO A 24 -2.86 -6.15 12.10
CA PRO A 24 -1.85 -6.89 12.90
C PRO A 24 -0.94 -7.71 11.96
N PRO A 25 0.35 -7.42 12.02
CA PRO A 25 1.35 -8.14 11.16
C PRO A 25 1.58 -9.58 11.64
N ARG A 26 2.54 -10.26 11.05
CA ARG A 26 2.88 -11.68 11.41
C ARG A 26 1.78 -12.66 10.95
N ALA A 27 1.04 -12.31 9.92
CA ALA A 27 -0.06 -13.19 9.41
C ALA A 27 -0.06 -13.14 7.88
N TYR A 28 1.00 -13.62 7.26
CA TYR A 28 1.11 -13.62 5.76
C TYR A 28 1.00 -12.20 5.22
N ALA A 29 2.04 -11.41 5.42
CA ALA A 29 2.07 -9.98 4.95
C ALA A 29 0.98 -9.13 5.65
N ARG A 1 -2.67 10.89 -14.40
CA ARG A 1 -2.73 11.46 -15.78
C ARG A 1 -1.66 10.81 -16.67
N LEU A 2 -2.02 9.80 -17.42
CA LEU A 2 -1.06 9.08 -18.33
C LEU A 2 0.22 8.66 -17.57
N VAL A 3 0.14 7.61 -16.80
CA VAL A 3 1.35 7.12 -16.03
C VAL A 3 1.59 5.63 -16.32
N PRO A 4 2.72 5.33 -16.93
CA PRO A 4 3.08 3.93 -17.28
C PRO A 4 3.77 3.21 -16.09
N GLY A 5 3.05 2.93 -15.03
CA GLY A 5 3.67 2.25 -13.86
C GLY A 5 4.23 3.25 -12.84
N ALA A 6 4.75 4.38 -13.29
CA ALA A 6 5.34 5.40 -12.35
C ALA A 6 4.37 5.73 -11.21
N ALA A 7 3.14 6.00 -11.54
CA ALA A 7 2.11 6.32 -10.50
C ALA A 7 1.09 5.17 -10.38
N TYR A 8 1.54 3.95 -10.58
CA TYR A 8 0.63 2.77 -10.48
C TYR A 8 1.03 1.94 -9.27
N ALA A 9 2.29 1.59 -9.18
CA ALA A 9 2.80 0.79 -8.03
C ALA A 9 2.91 1.71 -6.80
N LEU A 10 3.43 2.89 -7.02
CA LEU A 10 3.58 3.89 -5.91
C LEU A 10 2.20 4.21 -5.31
N TYR A 11 1.24 4.49 -6.16
CA TYR A 11 -0.15 4.82 -5.68
C TYR A 11 -0.84 3.57 -5.12
N GLY A 12 -0.55 2.41 -5.66
CA GLY A 12 -1.18 1.15 -5.18
C GLY A 12 -0.56 0.72 -3.84
N VAL A 13 0.74 0.90 -3.67
CA VAL A 13 1.41 0.50 -2.39
C VAL A 13 1.18 1.53 -1.28
N TRP A 14 0.82 2.75 -1.62
CA TRP A 14 0.59 3.80 -0.57
C TRP A 14 -0.52 3.41 0.42
N PRO A 15 -1.69 3.04 -0.06
CA PRO A 15 -2.79 2.64 0.87
C PRO A 15 -2.52 1.25 1.49
N LEU A 16 -1.62 0.46 0.94
CA LEU A 16 -1.35 -0.90 1.52
C LEU A 16 -0.43 -0.84 2.73
N LEU A 17 0.75 -0.28 2.61
CA LEU A 17 1.67 -0.19 3.80
C LEU A 17 1.03 0.64 4.91
N LEU A 18 0.15 1.56 4.56
CA LEU A 18 -0.54 2.39 5.58
C LEU A 18 -1.54 1.50 6.33
N LEU A 19 -2.19 0.59 5.60
CA LEU A 19 -3.16 -0.35 6.23
C LEU A 19 -2.40 -1.30 7.16
N LEU A 20 -1.31 -1.84 6.65
CA LEU A 20 -0.47 -2.80 7.44
C LEU A 20 0.00 -2.14 8.76
N LEU A 21 0.35 -0.88 8.70
CA LEU A 21 0.82 -0.14 9.91
C LEU A 21 -0.23 -0.17 11.04
N ALA A 22 -1.49 -0.16 10.70
CA ALA A 22 -2.57 -0.19 11.74
C ALA A 22 -3.34 -1.53 11.72
N LEU A 23 -2.72 -2.60 11.28
CA LEU A 23 -3.42 -3.93 11.25
C LEU A 23 -2.70 -4.95 12.14
N PRO A 24 -3.46 -5.55 13.03
CA PRO A 24 -2.92 -6.57 13.98
C PRO A 24 -2.65 -7.96 13.36
N PRO A 25 -3.63 -8.69 12.82
CA PRO A 25 -3.33 -10.03 12.23
C PRO A 25 -2.61 -9.91 10.88
N ARG A 26 -2.43 -11.01 10.19
CA ARG A 26 -1.74 -11.03 8.85
C ARG A 26 -0.31 -10.47 8.94
N ALA A 27 0.50 -11.07 9.78
CA ALA A 27 1.91 -10.61 9.95
C ALA A 27 2.87 -11.69 9.39
N TYR A 28 2.58 -12.18 8.21
CA TYR A 28 3.44 -13.24 7.57
C TYR A 28 3.18 -13.36 6.06
N ALA A 29 1.93 -13.28 5.63
CA ALA A 29 1.62 -13.39 4.18
C ALA A 29 1.14 -12.04 3.62
N ARG A 1 4.62 18.19 -13.22
CA ARG A 1 3.16 17.85 -13.24
C ARG A 1 2.93 16.54 -14.02
N LEU A 2 2.01 15.72 -13.55
CA LEU A 2 1.69 14.41 -14.21
C LEU A 2 2.91 13.46 -14.17
N VAL A 3 2.92 12.54 -13.24
CA VAL A 3 4.06 11.57 -13.13
C VAL A 3 4.11 10.63 -14.35
N PRO A 4 5.29 10.11 -14.63
CA PRO A 4 5.47 9.18 -15.79
C PRO A 4 5.23 7.71 -15.38
N GLY A 5 4.28 7.44 -14.51
CA GLY A 5 4.01 6.04 -14.08
C GLY A 5 4.77 5.70 -12.78
N ALA A 6 5.99 6.21 -12.63
CA ALA A 6 6.81 5.93 -11.39
C ALA A 6 6.00 6.15 -10.10
N ALA A 7 5.37 7.28 -9.98
CA ALA A 7 4.55 7.57 -8.75
C ALA A 7 3.06 7.38 -9.04
N TYR A 8 2.71 6.51 -9.95
CA TYR A 8 1.28 6.26 -10.28
C TYR A 8 0.89 4.87 -9.78
N ALA A 9 1.56 3.86 -10.28
CA ALA A 9 1.28 2.45 -9.84
C ALA A 9 1.67 2.29 -8.37
N LEU A 10 2.79 2.85 -8.00
CA LEU A 10 3.29 2.79 -6.58
C LEU A 10 2.26 3.45 -5.65
N TYR A 11 1.76 4.59 -6.04
CA TYR A 11 0.75 5.33 -5.21
C TYR A 11 -0.55 4.52 -5.11
N GLY A 12 -0.84 3.72 -6.11
CA GLY A 12 -2.09 2.88 -6.09
C GLY A 12 -1.97 1.81 -5.00
N VAL A 13 -0.82 1.18 -4.87
CA VAL A 13 -0.64 0.13 -3.81
C VAL A 13 -0.13 0.73 -2.49
N TRP A 14 0.16 2.03 -2.45
CA TRP A 14 0.66 2.67 -1.19
C TRP A 14 -0.33 2.47 -0.02
N PRO A 15 -1.60 2.76 -0.24
CA PRO A 15 -2.61 2.59 0.86
C PRO A 15 -2.83 1.11 1.18
N LEU A 16 -2.55 0.21 0.26
CA LEU A 16 -2.76 -1.25 0.54
C LEU A 16 -1.72 -1.72 1.56
N LEU A 17 -0.46 -1.44 1.32
CA LEU A 17 0.59 -1.87 2.30
C LEU A 17 0.46 -1.01 3.57
N LEU A 18 -0.04 0.20 3.42
CA LEU A 18 -0.23 1.10 4.59
C LEU A 18 -1.36 0.49 5.45
N LEU A 19 -2.39 -0.02 4.79
CA LEU A 19 -3.52 -0.66 5.54
C LEU A 19 -2.99 -1.91 6.23
N LEU A 20 -2.21 -2.69 5.53
CA LEU A 20 -1.62 -3.93 6.13
C LEU A 20 -0.75 -3.55 7.33
N LEU A 21 0.07 -2.52 7.19
CA LEU A 21 0.94 -2.06 8.31
C LEU A 21 0.07 -1.63 9.49
N ALA A 22 -1.07 -1.04 9.21
CA ALA A 22 -2.00 -0.58 10.28
C ALA A 22 -2.90 -1.73 10.79
N LEU A 23 -2.77 -2.91 10.23
CA LEU A 23 -3.60 -4.08 10.67
C LEU A 23 -2.72 -5.30 11.04
N PRO A 24 -1.75 -5.05 11.88
CA PRO A 24 -0.80 -6.11 12.36
C PRO A 24 -1.50 -7.09 13.32
N PRO A 25 -0.98 -8.30 13.37
CA PRO A 25 -1.56 -9.35 14.26
C PRO A 25 -1.29 -9.07 15.75
N ARG A 26 -1.76 -9.93 16.62
CA ARG A 26 -1.53 -9.72 18.09
C ARG A 26 -1.45 -11.09 18.81
N ALA A 27 -2.43 -11.94 18.65
CA ALA A 27 -2.41 -13.28 19.32
C ALA A 27 -2.78 -14.39 18.33
N TYR A 28 -4.03 -14.46 17.95
CA TYR A 28 -4.49 -15.51 16.98
C TYR A 28 -5.64 -15.00 16.11
N ALA A 29 -6.76 -14.65 16.73
CA ALA A 29 -7.96 -14.13 15.98
C ALA A 29 -8.42 -15.13 14.89
N ARG A 1 6.71 13.69 -22.04
CA ARG A 1 6.62 13.21 -20.63
C ARG A 1 6.14 11.75 -20.59
N LEU A 2 6.36 11.08 -19.47
CA LEU A 2 5.92 9.65 -19.34
C LEU A 2 5.89 9.22 -17.86
N VAL A 3 5.22 8.14 -17.54
CA VAL A 3 5.13 7.67 -16.13
C VAL A 3 5.41 6.15 -16.08
N PRO A 4 6.11 5.71 -15.05
CA PRO A 4 6.44 4.27 -14.90
C PRO A 4 5.27 3.49 -14.26
N GLY A 5 4.28 3.16 -15.05
CA GLY A 5 3.10 2.39 -14.53
C GLY A 5 1.99 3.34 -14.06
N ALA A 6 1.93 4.55 -14.59
CA ALA A 6 0.88 5.54 -14.18
C ALA A 6 0.78 5.66 -12.64
N ALA A 7 1.92 5.75 -11.97
CA ALA A 7 1.97 5.87 -10.47
C ALA A 7 1.36 4.65 -9.76
N TYR A 8 1.33 3.49 -10.38
CA TYR A 8 0.75 2.28 -9.69
C TYR A 8 1.74 1.75 -8.65
N ALA A 9 3.02 1.83 -8.93
CA ALA A 9 4.06 1.35 -7.96
C ALA A 9 4.43 2.46 -6.95
N LEU A 10 3.72 3.56 -6.95
CA LEU A 10 4.00 4.68 -5.99
C LEU A 10 2.69 5.05 -5.30
N TYR A 11 1.70 5.43 -6.08
CA TYR A 11 0.36 5.81 -5.51
C TYR A 11 -0.44 4.55 -5.17
N GLY A 12 -0.17 3.46 -5.84
CA GLY A 12 -0.90 2.17 -5.57
C GLY A 12 -0.31 1.51 -4.32
N VAL A 13 0.97 1.63 -4.10
CA VAL A 13 1.61 0.99 -2.88
C VAL A 13 1.43 1.87 -1.63
N TRP A 14 1.08 3.13 -1.79
CA TRP A 14 0.90 4.05 -0.62
C TRP A 14 -0.20 3.54 0.34
N PRO A 15 -1.38 3.26 -0.16
CA PRO A 15 -2.49 2.78 0.71
C PRO A 15 -2.19 1.37 1.25
N LEU A 16 -1.50 0.53 0.50
CA LEU A 16 -1.18 -0.85 1.00
C LEU A 16 -0.23 -0.74 2.18
N LEU A 17 0.74 0.13 2.10
CA LEU A 17 1.71 0.32 3.23
C LEU A 17 0.93 0.89 4.42
N LEU A 18 0.01 1.77 4.15
CA LEU A 18 -0.84 2.37 5.23
C LEU A 18 -1.68 1.24 5.85
N LEU A 19 -2.19 0.37 5.01
CA LEU A 19 -3.00 -0.79 5.50
C LEU A 19 -2.07 -1.71 6.31
N LEU A 20 -0.87 -1.92 5.80
CA LEU A 20 0.14 -2.77 6.48
C LEU A 20 0.55 -2.12 7.82
N LEU A 21 0.78 -0.83 7.82
CA LEU A 21 1.17 -0.09 9.07
C LEU A 21 0.06 -0.21 10.12
N ALA A 22 -1.18 -0.17 9.68
CA ALA A 22 -2.33 -0.29 10.63
C ALA A 22 -2.94 -1.70 10.56
N LEU A 23 -2.11 -2.73 10.44
CA LEU A 23 -2.63 -4.13 10.38
C LEU A 23 -2.29 -4.89 11.67
N PRO A 24 -3.29 -5.56 12.21
CA PRO A 24 -3.13 -6.33 13.45
C PRO A 24 -2.62 -7.76 13.15
N PRO A 25 -1.97 -8.36 14.13
CA PRO A 25 -1.44 -9.74 13.95
C PRO A 25 -2.56 -10.78 14.00
N ARG A 26 -2.22 -12.05 13.96
CA ARG A 26 -3.27 -13.12 14.02
C ARG A 26 -3.46 -13.58 15.47
N ALA A 27 -2.47 -14.21 16.05
CA ALA A 27 -2.58 -14.69 17.47
C ALA A 27 -1.17 -14.91 18.04
N TYR A 28 -0.36 -13.87 18.06
CA TYR A 28 1.06 -13.92 18.58
C TYR A 28 2.01 -14.66 17.60
N ALA A 29 1.52 -15.55 16.76
CA ALA A 29 2.42 -16.27 15.80
C ALA A 29 2.22 -15.73 14.39
N ARG A 1 -4.49 13.00 -8.00
CA ARG A 1 -4.78 13.47 -9.40
C ARG A 1 -4.78 12.28 -10.36
N LEU A 2 -5.31 12.46 -11.55
CA LEU A 2 -5.33 11.35 -12.55
C LEU A 2 -3.92 11.10 -13.11
N VAL A 3 -3.46 9.87 -13.05
CA VAL A 3 -2.08 9.54 -13.56
C VAL A 3 -2.09 8.21 -14.32
N PRO A 4 -1.17 8.08 -15.25
CA PRO A 4 -1.07 6.82 -16.05
C PRO A 4 -0.32 5.75 -15.24
N GLY A 5 0.15 4.70 -15.88
CA GLY A 5 0.89 3.62 -15.16
C GLY A 5 2.08 4.19 -14.38
N ALA A 6 2.70 5.24 -14.89
CA ALA A 6 3.88 5.89 -14.21
C ALA A 6 3.64 6.11 -12.72
N ALA A 7 2.53 6.71 -12.38
CA ALA A 7 2.21 6.97 -10.93
C ALA A 7 1.07 6.04 -10.45
N TYR A 8 0.96 4.86 -11.03
CA TYR A 8 -0.12 3.90 -10.61
C TYR A 8 0.47 2.91 -9.60
N ALA A 9 1.58 2.31 -9.96
CA ALA A 9 2.24 1.32 -9.04
C ALA A 9 2.72 2.03 -7.77
N LEU A 10 3.20 3.25 -7.92
CA LEU A 10 3.69 4.03 -6.73
C LEU A 10 2.50 4.32 -5.80
N TYR A 11 1.45 4.90 -6.32
CA TYR A 11 0.24 5.20 -5.47
C TYR A 11 -0.45 3.91 -5.02
N GLY A 12 -0.29 2.84 -5.76
CA GLY A 12 -0.92 1.53 -5.40
C GLY A 12 -0.31 0.98 -4.10
N VAL A 13 0.98 1.11 -3.92
CA VAL A 13 1.63 0.58 -2.67
C VAL A 13 1.50 1.57 -1.50
N TRP A 14 1.07 2.80 -1.75
CA TRP A 14 0.93 3.79 -0.63
C TRP A 14 -0.10 3.31 0.41
N PRO A 15 -1.29 2.94 -0.02
CA PRO A 15 -2.32 2.46 0.95
C PRO A 15 -1.90 1.08 1.50
N LEU A 16 -1.03 0.36 0.82
CA LEU A 16 -0.58 -0.98 1.33
C LEU A 16 0.30 -0.77 2.57
N LEU A 17 1.21 0.17 2.52
CA LEU A 17 2.08 0.44 3.72
C LEU A 17 1.20 1.01 4.84
N LEU A 18 0.15 1.71 4.48
CA LEU A 18 -0.81 2.28 5.46
C LEU A 18 -1.59 1.10 6.05
N LEU A 19 -2.02 0.21 5.18
CA LEU A 19 -2.77 -1.01 5.63
C LEU A 19 -1.85 -1.84 6.52
N LEU A 20 -0.58 -1.89 6.17
CA LEU A 20 0.44 -2.65 6.95
C LEU A 20 0.68 -1.93 8.29
N LEU A 21 0.81 -0.62 8.26
CA LEU A 21 1.04 0.18 9.51
C LEU A 21 -0.10 -0.05 10.49
N ALA A 22 -1.30 -0.12 9.99
CA ALA A 22 -2.50 -0.35 10.87
C ALA A 22 -3.01 -1.79 10.67
N LEU A 23 -2.12 -2.75 10.51
CA LEU A 23 -2.54 -4.17 10.31
C LEU A 23 -2.60 -4.92 11.66
N PRO A 24 -3.72 -5.59 11.87
CA PRO A 24 -3.94 -6.36 13.12
C PRO A 24 -3.38 -7.79 12.99
N PRO A 25 -2.49 -8.16 13.88
CA PRO A 25 -1.88 -9.52 13.85
C PRO A 25 -2.89 -10.59 14.30
N ARG A 26 -2.64 -11.83 13.94
CA ARG A 26 -3.57 -12.94 14.34
C ARG A 26 -3.20 -13.49 15.72
N ALA A 27 -3.01 -12.61 16.68
CA ALA A 27 -2.65 -13.00 18.08
C ALA A 27 -1.38 -13.88 18.10
N TYR A 28 -0.28 -13.36 17.61
CA TYR A 28 1.00 -14.14 17.60
C TYR A 28 2.21 -13.28 17.98
N ALA A 29 2.27 -12.03 17.54
CA ALA A 29 3.42 -11.11 17.85
C ALA A 29 4.74 -11.62 17.26
N ARG A 1 -6.49 4.86 -12.47
CA ARG A 1 -6.61 3.53 -13.14
C ARG A 1 -6.16 3.64 -14.62
N LEU A 2 -5.88 2.52 -15.25
CA LEU A 2 -5.44 2.49 -16.69
C LEU A 2 -4.10 3.22 -16.87
N VAL A 3 -3.09 2.84 -16.10
CA VAL A 3 -1.75 3.48 -16.22
C VAL A 3 -0.65 2.40 -16.29
N PRO A 4 0.34 2.63 -17.12
CA PRO A 4 1.44 1.65 -17.29
C PRO A 4 2.53 1.77 -16.20
N GLY A 5 2.17 1.57 -14.94
CA GLY A 5 3.19 1.66 -13.84
C GLY A 5 3.28 3.09 -13.26
N ALA A 6 3.13 4.11 -14.08
CA ALA A 6 3.21 5.53 -13.60
C ALA A 6 2.43 5.77 -12.30
N ALA A 7 1.26 5.22 -12.19
CA ALA A 7 0.43 5.39 -10.95
C ALA A 7 0.15 4.03 -10.29
N TYR A 8 1.00 3.04 -10.51
CA TYR A 8 0.80 1.70 -9.89
C TYR A 8 1.72 1.58 -8.68
N ALA A 9 2.97 1.93 -8.85
CA ALA A 9 3.96 1.87 -7.72
C ALA A 9 3.61 2.93 -6.66
N LEU A 10 2.80 3.90 -6.99
CA LEU A 10 2.42 4.97 -6.02
C LEU A 10 1.08 4.59 -5.38
N TYR A 11 0.05 4.44 -6.18
CA TYR A 11 -1.31 4.07 -5.65
C TYR A 11 -1.32 2.65 -5.07
N GLY A 12 -0.41 1.80 -5.48
CA GLY A 12 -0.37 0.41 -4.96
C GLY A 12 0.51 0.31 -3.70
N VAL A 13 1.27 1.34 -3.37
CA VAL A 13 2.14 1.30 -2.16
C VAL A 13 1.58 2.18 -1.03
N TRP A 14 1.04 3.32 -1.35
CA TRP A 14 0.48 4.25 -0.31
C TRP A 14 -0.51 3.53 0.62
N PRO A 15 -1.54 2.90 0.07
CA PRO A 15 -2.53 2.18 0.91
C PRO A 15 -1.90 0.94 1.57
N LEU A 16 -0.95 0.30 0.92
CA LEU A 16 -0.30 -0.90 1.52
C LEU A 16 0.54 -0.48 2.73
N LEU A 17 1.33 0.55 2.57
CA LEU A 17 2.16 1.06 3.71
C LEU A 17 1.19 1.61 4.77
N LEU A 18 0.13 2.24 4.32
CA LEU A 18 -0.90 2.79 5.26
C LEU A 18 -1.49 1.60 6.04
N LEU A 19 -1.78 0.53 5.32
CA LEU A 19 -2.34 -0.71 5.97
C LEU A 19 -1.27 -1.32 6.89
N LEU A 20 -0.05 -1.32 6.43
CA LEU A 20 1.09 -1.89 7.23
C LEU A 20 1.27 -1.05 8.51
N LEU A 21 1.11 0.25 8.44
CA LEU A 21 1.27 1.13 9.64
C LEU A 21 0.30 0.67 10.75
N ALA A 22 -0.92 0.41 10.38
CA ALA A 22 -1.94 -0.05 11.36
C ALA A 22 -2.42 -1.45 10.93
N LEU A 23 -1.50 -2.36 10.69
CA LEU A 23 -1.86 -3.74 10.26
C LEU A 23 -2.40 -4.57 11.44
N PRO A 24 -3.39 -5.38 11.15
CA PRO A 24 -4.02 -6.26 12.17
C PRO A 24 -3.30 -7.61 12.26
N PRO A 25 -3.63 -8.39 13.28
CA PRO A 25 -2.99 -9.73 13.47
C PRO A 25 -3.47 -10.71 12.40
N ARG A 26 -2.79 -11.83 12.28
CA ARG A 26 -3.17 -12.87 11.27
C ARG A 26 -3.72 -14.13 11.97
N ALA A 27 -3.08 -14.57 13.03
CA ALA A 27 -3.55 -15.80 13.78
C ALA A 27 -2.79 -15.94 15.11
N TYR A 28 -2.44 -14.85 15.75
CA TYR A 28 -1.70 -14.92 17.06
C TYR A 28 -2.36 -14.06 18.15
N ALA A 29 -2.98 -12.96 17.80
CA ALA A 29 -3.64 -12.09 18.83
C ALA A 29 -5.17 -12.17 18.67
N ARG A 1 6.00 12.98 -21.30
CA ARG A 1 5.06 12.32 -20.32
C ARG A 1 5.84 11.65 -19.18
N LEU A 2 5.36 11.77 -17.97
CA LEU A 2 6.07 11.16 -16.80
C LEU A 2 5.06 10.63 -15.77
N VAL A 3 5.18 9.37 -15.38
CA VAL A 3 4.24 8.78 -14.38
C VAL A 3 5.00 7.82 -13.43
N PRO A 4 4.64 7.86 -12.17
CA PRO A 4 5.31 6.99 -11.15
C PRO A 4 4.81 5.53 -11.27
N GLY A 5 5.33 4.79 -12.22
CA GLY A 5 4.90 3.37 -12.42
C GLY A 5 3.42 3.32 -12.74
N ALA A 6 2.93 4.25 -13.54
CA ALA A 6 1.48 4.31 -13.91
C ALA A 6 0.63 4.26 -12.63
N ALA A 7 1.01 5.03 -11.63
CA ALA A 7 0.29 5.09 -10.31
C ALA A 7 0.37 3.74 -9.55
N TYR A 8 1.17 2.81 -9.98
CA TYR A 8 1.26 1.51 -9.24
C TYR A 8 2.32 1.65 -8.14
N ALA A 9 3.40 2.32 -8.44
CA ALA A 9 4.47 2.54 -7.43
C ALA A 9 4.08 3.68 -6.47
N LEU A 10 3.00 4.37 -6.75
CA LEU A 10 2.54 5.49 -5.87
C LEU A 10 1.17 5.12 -5.28
N TYR A 11 0.18 4.98 -6.12
CA TYR A 11 -1.19 4.61 -5.65
C TYR A 11 -1.26 3.13 -5.22
N GLY A 12 -0.39 2.30 -5.73
CA GLY A 12 -0.39 0.86 -5.36
C GLY A 12 0.54 0.61 -4.16
N VAL A 13 1.31 1.61 -3.75
CA VAL A 13 2.24 1.44 -2.59
C VAL A 13 1.77 2.28 -1.39
N TRP A 14 1.30 3.49 -1.63
CA TRP A 14 0.82 4.39 -0.53
C TRP A 14 -0.19 3.71 0.42
N PRO A 15 -1.26 3.17 -0.13
CA PRO A 15 -2.30 2.49 0.72
C PRO A 15 -1.73 1.22 1.36
N LEU A 16 -0.80 0.54 0.71
CA LEU A 16 -0.21 -0.70 1.29
C LEU A 16 0.59 -0.33 2.55
N LEU A 17 1.37 0.73 2.46
CA LEU A 17 2.17 1.20 3.64
C LEU A 17 1.19 1.64 4.73
N LEU A 18 0.15 2.34 4.33
CA LEU A 18 -0.89 2.80 5.30
C LEU A 18 -1.53 1.56 5.93
N LEU A 19 -1.78 0.53 5.12
CA LEU A 19 -2.37 -0.74 5.62
C LEU A 19 -1.36 -1.42 6.55
N LEU A 20 -0.10 -1.37 6.18
CA LEU A 20 1.00 -1.98 6.99
C LEU A 20 1.16 -1.22 8.32
N LEU A 21 0.99 0.09 8.31
CA LEU A 21 1.13 0.89 9.57
C LEU A 21 0.10 0.42 10.62
N ALA A 22 -1.10 0.15 10.18
CA ALA A 22 -2.16 -0.34 11.10
C ALA A 22 -2.65 -1.72 10.64
N LEU A 23 -1.72 -2.59 10.28
CA LEU A 23 -2.09 -3.96 9.81
C LEU A 23 -2.60 -4.83 10.98
N PRO A 24 -3.59 -5.65 10.68
CA PRO A 24 -4.20 -6.55 11.69
C PRO A 24 -3.45 -7.90 11.75
N PRO A 25 -2.86 -8.19 12.90
CA PRO A 25 -2.10 -9.47 13.07
C PRO A 25 -3.06 -10.67 13.13
N ARG A 26 -2.62 -11.80 12.64
CA ARG A 26 -3.47 -13.04 12.65
C ARG A 26 -3.21 -13.86 13.92
N ALA A 27 -1.97 -13.96 14.34
CA ALA A 27 -1.64 -14.75 15.57
C ALA A 27 -0.95 -13.84 16.59
N TYR A 28 -1.67 -12.84 17.07
CA TYR A 28 -1.10 -11.89 18.07
C TYR A 28 -1.34 -12.37 19.51
N ALA A 29 -2.48 -12.95 19.80
CA ALA A 29 -2.78 -13.45 21.18
C ALA A 29 -4.01 -14.38 21.18
N ARG A 1 -4.55 7.87 -11.57
CA ARG A 1 -5.31 6.57 -11.65
C ARG A 1 -5.48 6.10 -13.11
N LEU A 2 -4.55 6.44 -13.98
CA LEU A 2 -4.67 6.01 -15.42
C LEU A 2 -3.28 5.90 -16.09
N VAL A 3 -2.28 5.40 -15.38
CA VAL A 3 -0.92 5.27 -15.98
C VAL A 3 -0.33 3.88 -15.64
N PRO A 4 0.23 3.23 -16.63
CA PRO A 4 0.83 1.89 -16.45
C PRO A 4 2.26 1.98 -15.90
N GLY A 5 2.43 1.73 -14.62
CA GLY A 5 3.78 1.79 -13.99
C GLY A 5 3.88 3.01 -13.08
N ALA A 6 3.64 4.19 -13.62
CA ALA A 6 3.71 5.45 -12.80
C ALA A 6 2.56 5.48 -11.79
N ALA A 7 1.37 5.15 -12.23
CA ALA A 7 0.19 5.14 -11.32
C ALA A 7 -0.07 3.72 -10.77
N TYR A 8 0.93 2.86 -10.80
CA TYR A 8 0.76 1.47 -10.28
C TYR A 8 1.55 1.33 -8.98
N ALA A 9 2.83 1.64 -9.02
CA ALA A 9 3.68 1.55 -7.79
C ALA A 9 3.18 2.57 -6.76
N LEU A 10 2.84 3.74 -7.22
CA LEU A 10 2.33 4.83 -6.30
C LEU A 10 1.07 4.33 -5.58
N TYR A 11 0.11 3.83 -6.33
CA TYR A 11 -1.16 3.31 -5.72
C TYR A 11 -0.94 1.99 -4.98
N GLY A 12 0.18 1.34 -5.19
CA GLY A 12 0.47 0.05 -4.51
C GLY A 12 1.17 0.27 -3.16
N VAL A 13 1.71 1.44 -2.90
CA VAL A 13 2.41 1.69 -1.59
C VAL A 13 1.61 2.62 -0.68
N TRP A 14 0.83 3.52 -1.23
CA TRP A 14 0.03 4.47 -0.39
C TRP A 14 -0.91 3.72 0.58
N PRO A 15 -1.76 2.86 0.06
CA PRO A 15 -2.70 2.10 0.94
C PRO A 15 -1.95 1.01 1.72
N LEU A 16 -0.95 0.39 1.14
CA LEU A 16 -0.20 -0.68 1.86
C LEU A 16 0.57 -0.08 3.04
N LEU A 17 1.21 1.03 2.84
CA LEU A 17 1.96 1.70 3.96
C LEU A 17 0.94 2.11 5.03
N LEU A 18 -0.19 2.62 4.60
CA LEU A 18 -1.26 3.02 5.56
C LEU A 18 -1.74 1.75 6.28
N LEU A 19 -1.87 0.65 5.56
CA LEU A 19 -2.30 -0.64 6.18
C LEU A 19 -1.18 -1.15 7.10
N LEU A 20 0.04 -0.95 6.70
CA LEU A 20 1.22 -1.40 7.53
C LEU A 20 1.29 -0.57 8.83
N LEU A 21 1.03 0.72 8.75
CA LEU A 21 1.06 1.60 9.96
C LEU A 21 0.11 1.07 11.05
N ALA A 22 -0.96 0.42 10.64
CA ALA A 22 -1.95 -0.16 11.59
C ALA A 22 -2.37 -1.53 11.04
N LEU A 23 -1.40 -2.38 10.76
CA LEU A 23 -1.71 -3.74 10.19
C LEU A 23 -2.24 -4.70 11.27
N PRO A 24 -3.26 -5.43 10.90
CA PRO A 24 -3.90 -6.42 11.82
C PRO A 24 -3.25 -7.81 11.66
N PRO A 25 -3.36 -8.62 12.70
CA PRO A 25 -2.78 -9.98 12.66
C PRO A 25 -3.56 -10.87 11.68
N ARG A 26 -2.90 -11.84 11.10
CA ARG A 26 -3.57 -12.75 10.13
C ARG A 26 -3.10 -14.19 10.34
N ALA A 27 -1.83 -14.46 10.10
CA ALA A 27 -1.26 -15.85 10.27
C ALA A 27 -2.07 -16.90 9.50
N TYR A 28 -2.43 -16.60 8.27
CA TYR A 28 -3.23 -17.58 7.44
C TYR A 28 -2.32 -18.70 6.92
N ALA A 29 -1.04 -18.45 6.76
CA ALA A 29 -0.09 -19.49 6.27
C ALA A 29 1.04 -19.67 7.28
N ARG A 1 -2.12 13.34 -8.58
CA ARG A 1 -2.98 13.06 -9.77
C ARG A 1 -2.77 11.63 -10.25
N LEU A 2 -3.81 10.97 -10.70
CA LEU A 2 -3.67 9.56 -11.19
C LEU A 2 -2.94 9.54 -12.53
N VAL A 3 -1.80 8.91 -12.57
CA VAL A 3 -0.99 8.81 -13.82
C VAL A 3 -0.48 7.36 -13.95
N PRO A 4 -0.43 6.87 -15.15
CA PRO A 4 0.04 5.47 -15.39
C PRO A 4 1.57 5.37 -15.32
N GLY A 5 2.07 4.47 -14.51
CA GLY A 5 3.54 4.28 -14.36
C GLY A 5 4.07 5.08 -13.18
N ALA A 6 3.81 6.36 -13.15
CA ALA A 6 4.30 7.23 -12.03
C ALA A 6 3.33 7.23 -10.85
N ALA A 7 2.07 7.46 -11.12
CA ALA A 7 1.06 7.48 -10.02
C ALA A 7 0.05 6.33 -10.18
N TYR A 8 0.56 5.13 -10.40
CA TYR A 8 -0.32 3.93 -10.56
C TYR A 8 0.22 2.83 -9.63
N ALA A 9 1.46 2.46 -9.82
CA ALA A 9 2.08 1.42 -8.94
C ALA A 9 2.25 2.02 -7.55
N LEU A 10 2.63 3.28 -7.51
CA LEU A 10 2.83 4.02 -6.21
C LEU A 10 1.48 4.10 -5.47
N TYR A 11 0.44 4.47 -6.18
CA TYR A 11 -0.92 4.60 -5.56
C TYR A 11 -1.45 3.25 -5.04
N GLY A 12 -0.89 2.15 -5.49
CA GLY A 12 -1.35 0.81 -5.02
C GLY A 12 -0.48 0.34 -3.84
N VAL A 13 0.81 0.60 -3.91
CA VAL A 13 1.73 0.18 -2.79
C VAL A 13 1.62 1.15 -1.60
N TRP A 14 1.33 2.41 -1.84
CA TRP A 14 1.21 3.40 -0.73
C TRP A 14 0.18 2.95 0.34
N PRO A 15 -1.03 2.63 -0.08
CA PRO A 15 -2.07 2.18 0.89
C PRO A 15 -1.73 0.80 1.45
N LEU A 16 -1.17 -0.09 0.65
CA LEU A 16 -0.80 -1.45 1.16
C LEU A 16 0.32 -1.32 2.19
N LEU A 17 1.28 -0.47 1.93
CA LEU A 17 2.41 -0.26 2.90
C LEU A 17 1.81 0.39 4.15
N LEU A 18 0.90 1.32 3.96
CA LEU A 18 0.23 1.98 5.12
C LEU A 18 -0.56 0.92 5.88
N LEU A 19 -1.20 0.02 5.15
CA LEU A 19 -1.98 -1.08 5.79
C LEU A 19 -1.02 -2.02 6.53
N LEU A 20 0.16 -2.21 5.97
CA LEU A 20 1.18 -3.10 6.60
C LEU A 20 1.78 -2.37 7.82
N LEU A 21 2.05 -1.09 7.70
CA LEU A 21 2.62 -0.30 8.84
C LEU A 21 1.67 -0.38 10.03
N ALA A 22 0.39 -0.23 9.78
CA ALA A 22 -0.64 -0.28 10.85
C ALA A 22 -1.52 -1.53 10.63
N LEU A 23 -0.91 -2.65 10.34
CA LEU A 23 -1.68 -3.91 10.10
C LEU A 23 -2.32 -4.44 11.39
N PRO A 24 -3.50 -5.03 11.23
CA PRO A 24 -4.25 -5.59 12.38
C PRO A 24 -3.81 -7.04 12.67
N PRO A 25 -3.59 -7.34 13.94
CA PRO A 25 -3.17 -8.71 14.34
C PRO A 25 -4.32 -9.73 14.16
N ARG A 26 -4.00 -10.99 14.25
CA ARG A 26 -5.05 -12.06 14.08
C ARG A 26 -5.79 -12.34 15.41
N ALA A 27 -5.33 -11.79 16.51
CA ALA A 27 -5.99 -12.01 17.84
C ALA A 27 -6.08 -13.52 18.16
N TYR A 28 -4.94 -14.14 18.37
CA TYR A 28 -4.92 -15.61 18.69
C TYR A 28 -5.37 -15.88 20.14
N ALA A 29 -5.21 -14.92 21.04
CA ALA A 29 -5.63 -15.13 22.46
C ALA A 29 -6.53 -13.98 22.92
N ARG A 1 -6.02 7.07 -14.54
CA ARG A 1 -5.61 7.68 -15.85
C ARG A 1 -4.58 8.80 -15.63
N LEU A 2 -3.60 8.56 -14.78
CA LEU A 2 -2.54 9.59 -14.51
C LEU A 2 -1.17 8.91 -14.35
N VAL A 3 -0.31 9.07 -15.34
CA VAL A 3 1.06 8.45 -15.31
C VAL A 3 0.99 6.94 -15.00
N PRO A 4 0.49 6.21 -15.96
CA PRO A 4 0.33 4.73 -15.84
C PRO A 4 1.71 4.05 -15.87
N GLY A 5 1.98 3.23 -14.88
CA GLY A 5 3.29 2.52 -14.81
C GLY A 5 4.11 3.10 -13.65
N ALA A 6 4.26 4.41 -13.62
CA ALA A 6 5.05 5.05 -12.52
C ALA A 6 4.13 5.50 -11.37
N ALA A 7 3.06 6.19 -11.69
CA ALA A 7 2.11 6.67 -10.63
C ALA A 7 1.02 5.63 -10.32
N TYR A 8 1.17 4.40 -10.76
CA TYR A 8 0.15 3.35 -10.48
C TYR A 8 0.68 2.41 -9.39
N ALA A 9 1.87 1.90 -9.59
CA ALA A 9 2.50 0.99 -8.58
C ALA A 9 2.79 1.75 -7.29
N LEU A 10 3.24 2.99 -7.43
CA LEU A 10 3.55 3.85 -6.23
C LEU A 10 2.28 4.03 -5.40
N TYR A 11 1.22 4.47 -6.04
CA TYR A 11 -0.09 4.69 -5.33
C TYR A 11 -0.67 3.35 -4.86
N GLY A 12 -0.33 2.27 -5.53
CA GLY A 12 -0.84 0.92 -5.14
C GLY A 12 -0.29 0.51 -3.78
N VAL A 13 0.96 0.78 -3.50
CA VAL A 13 1.56 0.40 -2.17
C VAL A 13 1.28 1.47 -1.11
N TRP A 14 0.78 2.62 -1.48
CA TRP A 14 0.49 3.71 -0.48
C TRP A 14 -0.52 3.21 0.58
N PRO A 15 -1.67 2.72 0.15
CA PRO A 15 -2.69 2.21 1.13
C PRO A 15 -2.18 0.94 1.81
N LEU A 16 -1.39 0.13 1.11
CA LEU A 16 -0.85 -1.13 1.73
C LEU A 16 0.01 -0.78 2.94
N LEU A 17 0.89 0.18 2.78
CA LEU A 17 1.77 0.63 3.90
C LEU A 17 0.88 1.17 5.02
N LEU A 18 -0.13 1.92 4.65
CA LEU A 18 -1.09 2.49 5.65
C LEU A 18 -1.79 1.30 6.34
N LEU A 19 -2.16 0.30 5.56
CA LEU A 19 -2.83 -0.91 6.13
C LEU A 19 -1.84 -1.67 7.01
N LEU A 20 -0.57 -1.65 6.63
CA LEU A 20 0.49 -2.34 7.42
C LEU A 20 0.78 -1.54 8.71
N LEU A 21 0.74 -0.22 8.65
CA LEU A 21 1.00 0.61 9.85
C LEU A 21 0.03 0.20 10.98
N ALA A 22 -1.22 0.02 10.63
CA ALA A 22 -2.26 -0.39 11.62
C ALA A 22 -2.83 -1.74 11.16
N LEU A 23 -1.96 -2.69 10.85
CA LEU A 23 -2.42 -4.03 10.38
C LEU A 23 -3.14 -4.83 11.50
N PRO A 24 -4.30 -5.36 11.16
CA PRO A 24 -5.12 -6.14 12.12
C PRO A 24 -4.65 -7.61 12.32
N PRO A 25 -4.79 -8.52 11.35
CA PRO A 25 -4.34 -9.93 11.58
C PRO A 25 -2.81 -10.04 11.53
N ARG A 26 -2.28 -11.18 11.90
CA ARG A 26 -0.79 -11.38 11.87
C ARG A 26 -0.27 -11.52 10.43
N ALA A 27 -1.12 -11.84 9.47
CA ALA A 27 -0.68 -12.01 8.04
C ALA A 27 0.35 -13.14 7.95
N TYR A 28 -0.13 -14.37 7.98
CA TYR A 28 0.78 -15.55 7.90
C TYR A 28 1.18 -15.84 6.44
N ALA A 29 0.24 -15.74 5.52
CA ALA A 29 0.54 -16.00 4.09
C ALA A 29 0.29 -14.73 3.26
N ARG A 1 1.87 17.18 -16.41
CA ARG A 1 1.76 16.14 -15.35
C ARG A 1 1.59 14.76 -16.01
N LEU A 2 2.66 14.22 -16.50
CA LEU A 2 2.61 12.88 -17.16
C LEU A 2 3.65 11.93 -16.54
N VAL A 3 3.25 10.74 -16.19
CA VAL A 3 4.20 9.76 -15.57
C VAL A 3 4.02 8.36 -16.20
N PRO A 4 5.08 7.58 -16.16
CA PRO A 4 5.03 6.20 -16.73
C PRO A 4 4.25 5.24 -15.81
N GLY A 5 4.36 3.95 -16.03
CA GLY A 5 3.64 2.95 -15.18
C GLY A 5 4.08 3.04 -13.70
N ALA A 6 5.21 3.66 -13.42
CA ALA A 6 5.72 3.79 -12.00
C ALA A 6 4.68 4.42 -11.07
N ALA A 7 3.78 5.23 -11.59
CA ALA A 7 2.74 5.88 -10.73
C ALA A 7 1.84 4.81 -10.10
N TYR A 8 1.46 3.82 -10.84
CA TYR A 8 0.59 2.72 -10.30
C TYR A 8 1.34 1.98 -9.18
N ALA A 9 2.64 1.85 -9.33
CA ALA A 9 3.46 1.14 -8.30
C ALA A 9 3.66 2.03 -7.05
N LEU A 10 3.28 3.29 -7.11
CA LEU A 10 3.41 4.22 -5.95
C LEU A 10 2.00 4.54 -5.41
N TYR A 11 1.14 5.03 -6.26
CA TYR A 11 -0.27 5.37 -5.85
C TYR A 11 -1.05 4.09 -5.54
N GLY A 12 -0.73 3.02 -6.22
CA GLY A 12 -1.44 1.72 -5.99
C GLY A 12 -1.10 1.13 -4.61
N VAL A 13 0.09 1.40 -4.10
CA VAL A 13 0.46 0.85 -2.74
C VAL A 13 0.24 1.87 -1.61
N TRP A 14 -0.42 2.98 -1.89
CA TRP A 14 -0.66 4.00 -0.81
C TRP A 14 -1.57 3.45 0.30
N PRO A 15 -2.69 2.82 -0.07
CA PRO A 15 -3.59 2.25 0.97
C PRO A 15 -2.90 1.06 1.65
N LEU A 16 -2.01 0.37 0.96
CA LEU A 16 -1.26 -0.78 1.57
C LEU A 16 -0.38 -0.23 2.70
N LEU A 17 0.24 0.89 2.47
CA LEU A 17 1.11 1.54 3.50
C LEU A 17 0.22 1.87 4.70
N LEU A 18 -0.90 2.48 4.43
CA LEU A 18 -1.87 2.83 5.51
C LEU A 18 -2.32 1.54 6.20
N LEU A 19 -2.54 0.49 5.44
CA LEU A 19 -2.95 -0.83 6.02
C LEU A 19 -1.78 -1.38 6.84
N LEU A 20 -0.57 -1.16 6.37
CA LEU A 20 0.66 -1.64 7.07
C LEU A 20 0.83 -0.87 8.38
N LEU A 21 0.50 0.41 8.40
CA LEU A 21 0.62 1.23 9.65
C LEU A 21 -0.25 0.62 10.76
N ALA A 22 -1.45 0.25 10.43
CA ALA A 22 -2.38 -0.36 11.42
C ALA A 22 -2.71 -1.80 10.98
N LEU A 23 -1.71 -2.54 10.56
CA LEU A 23 -1.93 -3.95 10.10
C LEU A 23 -2.32 -4.86 11.27
N PRO A 24 -3.14 -5.84 10.97
CA PRO A 24 -3.61 -6.81 11.99
C PRO A 24 -2.61 -7.98 12.14
N PRO A 25 -2.32 -8.34 13.38
CA PRO A 25 -1.38 -9.46 13.64
C PRO A 25 -1.99 -10.80 13.25
N ARG A 26 -1.16 -11.74 12.87
CA ARG A 26 -1.67 -13.09 12.46
C ARG A 26 -1.23 -14.17 13.47
N ALA A 27 -1.09 -13.81 14.73
CA ALA A 27 -0.66 -14.81 15.78
C ALA A 27 -1.22 -14.40 17.15
N TYR A 28 -2.51 -14.23 17.26
CA TYR A 28 -3.14 -13.83 18.55
C TYR A 28 -4.11 -14.92 19.03
N ALA A 29 -5.04 -15.32 18.20
CA ALA A 29 -6.02 -16.38 18.58
C ALA A 29 -5.92 -17.55 17.60
N ARG A 1 14.03 12.11 -19.58
CA ARG A 1 12.92 12.12 -18.57
C ARG A 1 12.49 10.68 -18.25
N LEU A 2 12.05 10.45 -17.03
CA LEU A 2 11.60 9.08 -16.61
C LEU A 2 10.57 9.18 -15.48
N VAL A 3 9.62 8.26 -15.45
CA VAL A 3 8.56 8.28 -14.38
C VAL A 3 8.24 6.84 -13.92
N PRO A 4 8.15 6.66 -12.62
CA PRO A 4 7.84 5.32 -12.05
C PRO A 4 6.35 4.98 -12.25
N GLY A 5 6.00 4.48 -13.41
CA GLY A 5 4.56 4.13 -13.70
C GLY A 5 3.69 5.39 -13.60
N ALA A 6 4.23 6.52 -14.01
CA ALA A 6 3.50 7.83 -13.96
C ALA A 6 2.88 8.06 -12.56
N ALA A 7 3.61 7.71 -11.52
CA ALA A 7 3.12 7.87 -10.11
C ALA A 7 1.75 7.18 -9.92
N TYR A 8 1.49 6.12 -10.65
CA TYR A 8 0.19 5.39 -10.53
C TYR A 8 0.41 4.05 -9.82
N ALA A 9 1.36 3.28 -10.30
CA ALA A 9 1.66 1.96 -9.66
C ALA A 9 2.20 2.18 -8.24
N LEU A 10 3.01 3.20 -8.07
CA LEU A 10 3.59 3.52 -6.73
C LEU A 10 2.45 3.85 -5.75
N TYR A 11 1.55 4.72 -6.16
CA TYR A 11 0.39 5.10 -5.29
C TYR A 11 -0.61 3.94 -5.11
N GLY A 12 -0.46 2.86 -5.83
CA GLY A 12 -1.39 1.70 -5.70
C GLY A 12 -0.88 0.77 -4.60
N VAL A 13 0.44 0.65 -4.45
CA VAL A 13 1.01 -0.24 -3.40
C VAL A 13 1.36 0.54 -2.12
N TRP A 14 1.60 1.83 -2.24
CA TRP A 14 1.95 2.69 -1.05
C TRP A 14 0.89 2.58 0.07
N PRO A 15 -0.37 2.79 -0.27
CA PRO A 15 -1.45 2.71 0.76
C PRO A 15 -1.63 1.27 1.26
N LEU A 16 -1.33 0.27 0.45
CA LEU A 16 -1.48 -1.14 0.93
C LEU A 16 -0.51 -1.39 2.06
N LEU A 17 0.73 -0.98 1.90
CA LEU A 17 1.75 -1.17 2.97
C LEU A 17 1.34 -0.32 4.17
N LEU A 18 0.85 0.86 3.92
CA LEU A 18 0.39 1.77 5.02
C LEU A 18 -0.78 1.08 5.75
N LEU A 19 -1.66 0.43 5.00
CA LEU A 19 -2.81 -0.28 5.63
C LEU A 19 -2.29 -1.53 6.33
N LEU A 20 -1.34 -2.20 5.71
CA LEU A 20 -0.73 -3.43 6.31
C LEU A 20 0.00 -3.09 7.61
N LEU A 21 0.64 -1.94 7.66
CA LEU A 21 1.38 -1.51 8.90
C LEU A 21 0.41 -1.33 10.08
N ALA A 22 -0.84 -1.04 9.80
CA ALA A 22 -1.84 -0.85 10.90
C ALA A 22 -2.77 -2.08 11.01
N LEU A 23 -2.33 -3.23 10.54
CA LEU A 23 -3.19 -4.46 10.61
C LEU A 23 -2.45 -5.64 11.30
N PRO A 24 -2.03 -5.38 12.52
CA PRO A 24 -1.32 -6.40 13.34
C PRO A 24 -2.28 -7.52 13.77
N PRO A 25 -1.77 -8.74 13.82
CA PRO A 25 -2.61 -9.90 14.22
C PRO A 25 -2.99 -9.81 15.70
N ARG A 26 -4.04 -10.51 16.09
CA ARG A 26 -4.49 -10.49 17.51
C ARG A 26 -5.18 -11.81 17.87
N ALA A 27 -6.18 -12.22 17.12
CA ALA A 27 -6.94 -13.49 17.38
C ALA A 27 -7.64 -13.44 18.76
N TYR A 28 -7.87 -12.25 19.28
CA TYR A 28 -8.54 -12.08 20.60
C TYR A 28 -9.06 -10.63 20.71
N ALA A 29 -8.17 -9.68 20.55
CA ALA A 29 -8.56 -8.24 20.63
C ALA A 29 -8.18 -7.52 19.31
N ARG A 1 -4.72 11.56 -15.58
CA ARG A 1 -4.10 11.30 -16.92
C ARG A 1 -3.77 9.80 -17.07
N LEU A 2 -3.66 9.34 -18.30
CA LEU A 2 -3.34 7.89 -18.54
C LEU A 2 -1.84 7.64 -18.27
N VAL A 3 -1.53 7.23 -17.06
CA VAL A 3 -0.09 6.95 -16.72
C VAL A 3 0.32 5.54 -17.19
N PRO A 4 1.57 5.40 -17.58
CA PRO A 4 2.10 4.09 -18.06
C PRO A 4 2.62 3.22 -16.91
N GLY A 5 1.98 3.25 -15.75
CA GLY A 5 2.46 2.42 -14.60
C GLY A 5 3.32 3.25 -13.64
N ALA A 6 4.11 4.19 -14.14
CA ALA A 6 4.99 5.03 -13.27
C ALA A 6 4.21 5.65 -12.09
N ALA A 7 3.12 6.29 -12.37
CA ALA A 7 2.29 6.92 -11.28
C ALA A 7 1.14 5.99 -10.86
N TYR A 8 1.24 4.71 -11.14
CA TYR A 8 0.16 3.74 -10.76
C TYR A 8 0.64 2.90 -9.58
N ALA A 9 1.76 2.23 -9.75
CA ALA A 9 2.32 1.38 -8.65
C ALA A 9 2.68 2.26 -7.45
N LEU A 10 3.24 3.42 -7.73
CA LEU A 10 3.64 4.39 -6.65
C LEU A 10 2.40 4.78 -5.82
N TYR A 11 1.30 5.01 -6.48
CA TYR A 11 0.04 5.40 -5.76
C TYR A 11 -0.70 4.17 -5.21
N GLY A 12 -0.43 3.00 -5.76
CA GLY A 12 -1.10 1.76 -5.28
C GLY A 12 -0.46 1.24 -3.98
N VAL A 13 0.81 1.52 -3.74
CA VAL A 13 1.45 1.03 -2.48
C VAL A 13 1.06 1.89 -1.26
N TRP A 14 0.63 3.11 -1.47
CA TRP A 14 0.23 4.00 -0.32
C TRP A 14 -0.80 3.30 0.59
N PRO A 15 -1.90 2.84 0.03
CA PRO A 15 -2.93 2.16 0.87
C PRO A 15 -2.43 0.80 1.37
N LEU A 16 -1.52 0.16 0.65
CA LEU A 16 -0.99 -1.17 1.11
C LEU A 16 -0.06 -0.95 2.30
N LEU A 17 0.88 -0.04 2.20
CA LEU A 17 1.78 0.23 3.36
C LEU A 17 0.95 0.85 4.50
N LEU A 18 -0.11 1.56 4.14
CA LEU A 18 -1.01 2.16 5.16
C LEU A 18 -1.72 1.00 5.87
N LEU A 19 -2.16 0.03 5.09
CA LEU A 19 -2.85 -1.17 5.67
C LEU A 19 -1.84 -1.94 6.52
N LEU A 20 -0.63 -2.05 6.03
CA LEU A 20 0.46 -2.77 6.76
C LEU A 20 0.78 -2.02 8.06
N LEU A 21 0.88 -0.70 8.00
CA LEU A 21 1.17 0.11 9.23
C LEU A 21 0.06 -0.08 10.27
N ALA A 22 -1.16 -0.19 9.80
CA ALA A 22 -2.33 -0.40 10.72
C ALA A 22 -2.77 -1.88 10.68
N LEU A 23 -1.85 -2.80 10.54
CA LEU A 23 -2.20 -4.25 10.49
C LEU A 23 -1.97 -4.90 11.86
N PRO A 24 -3.00 -5.55 12.36
CA PRO A 24 -2.96 -6.23 13.68
C PRO A 24 -2.38 -7.65 13.57
N PRO A 25 -2.08 -8.25 14.71
CA PRO A 25 -1.52 -9.63 14.74
C PRO A 25 -2.57 -10.68 14.33
N ARG A 26 -2.17 -11.93 14.28
CA ARG A 26 -3.14 -13.03 13.89
C ARG A 26 -4.19 -13.24 14.99
N ALA A 27 -3.83 -13.03 16.25
CA ALA A 27 -4.79 -13.21 17.37
C ALA A 27 -5.14 -11.85 17.99
N TYR A 28 -5.58 -10.93 17.18
CA TYR A 28 -5.96 -9.56 17.68
C TYR A 28 -7.29 -9.57 18.44
N ALA A 29 -8.12 -10.58 18.25
CA ALA A 29 -9.44 -10.64 18.96
C ALA A 29 -9.37 -11.66 20.11
N ARG A 1 -1.25 14.03 -15.69
CA ARG A 1 0.06 13.97 -14.95
C ARG A 1 0.30 12.56 -14.38
N LEU A 2 0.00 11.53 -15.13
CA LEU A 2 0.20 10.13 -14.64
C LEU A 2 0.61 9.19 -15.78
N VAL A 3 0.81 7.93 -15.49
CA VAL A 3 1.21 6.93 -16.54
C VAL A 3 1.10 5.50 -15.96
N PRO A 4 0.66 4.59 -16.80
CA PRO A 4 0.51 3.17 -16.38
C PRO A 4 1.88 2.48 -16.21
N GLY A 5 2.05 1.76 -15.13
CA GLY A 5 3.35 1.06 -14.87
C GLY A 5 4.30 1.96 -14.08
N ALA A 6 4.48 3.18 -14.51
CA ALA A 6 5.40 4.13 -13.80
C ALA A 6 4.67 4.87 -12.68
N ALA A 7 3.45 5.27 -12.91
CA ALA A 7 2.66 6.00 -11.89
C ALA A 7 1.46 5.16 -11.40
N TYR A 8 1.60 3.85 -11.39
CA TYR A 8 0.48 2.96 -10.92
C TYR A 8 0.92 2.27 -9.63
N ALA A 9 2.07 1.63 -9.68
CA ALA A 9 2.60 0.94 -8.46
C ALA A 9 3.05 2.00 -7.47
N LEU A 10 3.73 3.02 -7.97
CA LEU A 10 4.21 4.14 -7.10
C LEU A 10 3.01 4.87 -6.48
N TYR A 11 1.95 5.04 -7.24
CA TYR A 11 0.73 5.74 -6.71
C TYR A 11 -0.28 4.73 -6.10
N GLY A 12 0.10 3.48 -5.93
CA GLY A 12 -0.82 2.47 -5.34
C GLY A 12 -0.20 1.83 -4.09
N VAL A 13 0.64 2.55 -3.37
CA VAL A 13 1.27 1.97 -2.14
C VAL A 13 0.98 2.79 -0.88
N TRP A 14 0.48 4.01 -1.02
CA TRP A 14 0.17 4.86 0.18
C TRP A 14 -0.85 4.15 1.11
N PRO A 15 -1.98 3.74 0.56
CA PRO A 15 -3.01 3.05 1.38
C PRO A 15 -2.51 1.65 1.79
N LEU A 16 -1.60 1.06 1.05
CA LEU A 16 -1.06 -0.30 1.42
C LEU A 16 -0.31 -0.18 2.74
N LEU A 17 0.52 0.83 2.86
CA LEU A 17 1.28 1.05 4.14
C LEU A 17 0.28 1.37 5.25
N LEU A 18 -0.77 2.09 4.91
CA LEU A 18 -1.82 2.44 5.92
C LEU A 18 -2.51 1.13 6.32
N LEU A 19 -2.76 0.26 5.35
CA LEU A 19 -3.40 -1.06 5.63
C LEU A 19 -2.44 -1.88 6.49
N LEU A 20 -1.18 -1.83 6.18
CA LEU A 20 -0.13 -2.57 6.94
C LEU A 20 0.02 -1.95 8.35
N LEU A 21 -0.03 -0.63 8.44
CA LEU A 21 0.10 0.07 9.75
C LEU A 21 -1.09 -0.32 10.65
N ALA A 22 -2.25 -0.42 10.06
CA ALA A 22 -3.47 -0.80 10.85
C ALA A 22 -3.80 -2.29 10.62
N LEU A 23 -2.78 -3.13 10.61
CA LEU A 23 -3.01 -4.59 10.39
C LEU A 23 -2.73 -5.39 11.69
N PRO A 24 -3.60 -6.31 11.98
CA PRO A 24 -3.48 -7.16 13.19
C PRO A 24 -2.56 -8.37 12.92
N PRO A 25 -1.55 -8.53 13.76
CA PRO A 25 -0.60 -9.68 13.60
C PRO A 25 -1.26 -11.02 13.97
N ARG A 26 -0.55 -12.10 13.75
CA ARG A 26 -1.11 -13.46 14.08
C ARG A 26 -0.89 -13.80 15.57
N ALA A 27 0.07 -13.16 16.22
CA ALA A 27 0.37 -13.43 17.67
C ALA A 27 0.97 -14.83 17.82
N TYR A 28 2.28 -14.94 17.76
CA TYR A 28 2.95 -16.27 17.89
C TYR A 28 2.41 -17.22 16.80
N ALA A 29 2.35 -16.74 15.58
CA ALA A 29 1.84 -17.57 14.43
C ALA A 29 2.22 -16.94 13.08
N ARG A 1 -2.89 12.36 -13.28
CA ARG A 1 -3.25 11.38 -14.36
C ARG A 1 -2.88 9.95 -13.94
N LEU A 2 -3.72 9.00 -14.24
CA LEU A 2 -3.43 7.58 -13.85
C LEU A 2 -2.63 6.88 -14.96
N VAL A 3 -1.34 7.14 -15.03
CA VAL A 3 -0.50 6.49 -16.09
C VAL A 3 0.02 5.12 -15.61
N PRO A 4 0.10 4.20 -16.55
CA PRO A 4 0.58 2.81 -16.24
C PRO A 4 2.07 2.80 -15.87
N GLY A 5 2.36 2.71 -14.60
CA GLY A 5 3.78 2.68 -14.13
C GLY A 5 3.94 3.71 -12.99
N ALA A 6 3.80 4.97 -13.31
CA ALA A 6 3.92 6.03 -12.26
C ALA A 6 2.66 6.08 -11.39
N ALA A 7 1.52 5.77 -11.94
CA ALA A 7 0.25 5.77 -11.16
C ALA A 7 -0.21 4.32 -10.90
N TYR A 8 0.72 3.42 -10.75
CA TYR A 8 0.38 1.99 -10.48
C TYR A 8 1.07 1.58 -9.18
N ALA A 9 2.38 1.65 -9.16
CA ALA A 9 3.15 1.29 -7.93
C ALA A 9 2.79 2.28 -6.81
N LEU A 10 2.63 3.54 -7.16
CA LEU A 10 2.26 4.59 -6.16
C LEU A 10 0.90 4.25 -5.55
N TYR A 11 -0.03 3.83 -6.39
CA TYR A 11 -1.40 3.47 -5.90
C TYR A 11 -1.35 2.18 -5.06
N GLY A 12 -0.39 1.33 -5.31
CA GLY A 12 -0.26 0.06 -4.54
C GLY A 12 0.75 0.21 -3.39
N VAL A 13 1.40 1.34 -3.23
CA VAL A 13 2.39 1.51 -2.12
C VAL A 13 1.87 2.46 -1.03
N TRP A 14 1.00 3.38 -1.37
CA TRP A 14 0.47 4.34 -0.34
C TRP A 14 -0.44 3.62 0.67
N PRO A 15 -1.46 2.92 0.21
CA PRO A 15 -2.37 2.21 1.15
C PRO A 15 -1.66 1.01 1.80
N LEU A 16 -0.72 0.40 1.13
CA LEU A 16 0.01 -0.76 1.73
C LEU A 16 0.83 -0.29 2.93
N LEU A 17 1.50 0.83 2.82
CA LEU A 17 2.30 1.37 3.97
C LEU A 17 1.32 1.72 5.09
N LEU A 18 0.19 2.28 4.74
CA LEU A 18 -0.85 2.62 5.76
C LEU A 18 -1.35 1.30 6.38
N LEU A 19 -1.52 0.29 5.56
CA LEU A 19 -1.97 -1.06 6.05
C LEU A 19 -0.86 -1.67 6.90
N LEU A 20 0.37 -1.38 6.57
CA LEU A 20 1.55 -1.91 7.34
C LEU A 20 1.69 -1.13 8.65
N LEU A 21 1.49 0.18 8.60
CA LEU A 21 1.58 1.03 9.85
C LEU A 21 0.50 0.58 10.84
N ALA A 22 -0.71 0.41 10.34
CA ALA A 22 -1.84 -0.04 11.19
C ALA A 22 -2.20 -1.47 10.77
N LEU A 23 -1.22 -2.34 10.73
CA LEU A 23 -1.46 -3.76 10.32
C LEU A 23 -2.28 -4.52 11.37
N PRO A 24 -3.20 -5.34 10.87
CA PRO A 24 -4.08 -6.15 11.73
C PRO A 24 -3.44 -7.52 12.05
N PRO A 25 -4.10 -8.31 12.88
CA PRO A 25 -3.57 -9.66 13.26
C PRO A 25 -3.73 -10.67 12.09
N ARG A 26 -3.55 -11.94 12.34
CA ARG A 26 -3.69 -12.96 11.26
C ARG A 26 -5.17 -13.27 11.00
N ALA A 27 -5.86 -13.84 11.96
CA ALA A 27 -7.32 -14.15 11.77
C ALA A 27 -8.06 -14.13 13.12
N TYR A 28 -8.10 -12.98 13.76
CA TYR A 28 -8.78 -12.86 15.09
C TYR A 28 -9.74 -11.66 15.08
N ALA A 29 -9.25 -10.49 14.71
CA ALA A 29 -10.12 -9.27 14.69
C ALA A 29 -9.79 -8.43 13.45
N ARG A 1 7.88 13.78 -22.87
CA ARG A 1 7.22 12.98 -21.79
C ARG A 1 8.25 12.10 -21.06
N LEU A 2 8.33 12.22 -19.76
CA LEU A 2 9.31 11.41 -18.96
C LEU A 2 8.68 10.99 -17.61
N VAL A 3 7.81 10.02 -17.63
CA VAL A 3 7.16 9.56 -16.36
C VAL A 3 7.04 8.02 -16.34
N PRO A 4 7.57 7.40 -15.30
CA PRO A 4 7.50 5.92 -15.18
C PRO A 4 6.12 5.51 -14.69
N GLY A 5 5.17 5.38 -15.59
CA GLY A 5 3.78 4.99 -15.18
C GLY A 5 3.07 6.17 -14.48
N ALA A 6 3.64 7.37 -14.54
CA ALA A 6 3.03 8.57 -13.90
C ALA A 6 2.70 8.31 -12.41
N ALA A 7 3.56 7.57 -11.71
CA ALA A 7 3.34 7.25 -10.26
C ALA A 7 1.92 6.69 -10.02
N TYR A 8 1.60 5.60 -10.68
CA TYR A 8 0.25 4.96 -10.53
C TYR A 8 0.37 3.69 -9.70
N ALA A 9 1.18 2.75 -10.15
CA ALA A 9 1.38 1.47 -9.41
C ALA A 9 2.06 1.76 -8.05
N LEU A 10 3.01 2.65 -8.07
CA LEU A 10 3.74 3.05 -6.82
C LEU A 10 2.75 3.59 -5.79
N TYR A 11 1.88 4.47 -6.22
CA TYR A 11 0.86 5.07 -5.29
C TYR A 11 -0.23 4.06 -4.88
N GLY A 12 -0.23 2.87 -5.45
CA GLY A 12 -1.25 1.84 -5.08
C GLY A 12 -0.69 0.92 -3.99
N VAL A 13 0.54 0.50 -4.13
CA VAL A 13 1.16 -0.40 -3.09
C VAL A 13 1.62 0.38 -1.85
N TRP A 14 1.95 1.64 -1.99
CA TRP A 14 2.41 2.46 -0.82
C TRP A 14 1.35 2.50 0.30
N PRO A 15 0.13 2.89 -0.03
CA PRO A 15 -0.95 2.95 1.00
C PRO A 15 -1.34 1.54 1.47
N LEU A 16 -1.14 0.53 0.65
CA LEU A 16 -1.49 -0.87 1.05
C LEU A 16 -0.56 -1.31 2.19
N LEU A 17 0.70 -0.98 2.09
CA LEU A 17 1.67 -1.35 3.18
C LEU A 17 1.30 -0.53 4.41
N LEU A 18 0.93 0.70 4.21
CA LEU A 18 0.51 1.59 5.35
C LEU A 18 -0.75 0.97 5.97
N LEU A 19 -1.66 0.49 5.13
CA LEU A 19 -2.90 -0.16 5.62
C LEU A 19 -2.52 -1.45 6.35
N LEU A 20 -1.60 -2.19 5.77
CA LEU A 20 -1.12 -3.47 6.39
C LEU A 20 -0.53 -3.16 7.77
N LEU A 21 0.18 -2.07 7.89
CA LEU A 21 0.79 -1.67 9.21
C LEU A 21 -0.34 -1.38 10.22
N ALA A 22 -1.41 -0.81 9.75
CA ALA A 22 -2.57 -0.49 10.65
C ALA A 22 -3.52 -1.70 10.80
N LEU A 23 -3.23 -2.83 10.17
CA LEU A 23 -4.11 -4.03 10.29
C LEU A 23 -3.31 -5.29 10.69
N PRO A 24 -2.52 -5.16 11.73
CA PRO A 24 -1.68 -6.29 12.24
C PRO A 24 -2.55 -7.35 12.96
N PRO A 25 -2.14 -8.59 12.86
CA PRO A 25 -2.88 -9.70 13.52
C PRO A 25 -2.68 -9.65 15.05
N ARG A 26 -3.45 -10.44 15.77
CA ARG A 26 -3.33 -10.46 17.26
C ARG A 26 -2.89 -11.86 17.73
N ALA A 27 -3.80 -12.82 17.74
CA ALA A 27 -3.44 -14.21 18.18
C ALA A 27 -4.42 -15.23 17.57
N TYR A 28 -4.89 -14.99 16.37
CA TYR A 28 -5.86 -15.94 15.71
C TYR A 28 -5.99 -15.67 14.19
N ALA A 29 -5.98 -14.43 13.76
CA ALA A 29 -6.10 -14.07 12.30
C ALA A 29 -7.51 -14.39 11.78
N ARG A 1 -8.22 8.13 -17.59
CA ARG A 1 -8.32 6.95 -16.66
C ARG A 1 -7.23 5.93 -16.98
N LEU A 2 -6.88 5.09 -16.01
CA LEU A 2 -5.84 4.03 -16.19
C LEU A 2 -4.46 4.63 -16.49
N VAL A 3 -3.57 4.60 -15.53
CA VAL A 3 -2.19 5.16 -15.74
C VAL A 3 -1.19 4.03 -16.03
N PRO A 4 -0.04 4.40 -16.54
CA PRO A 4 1.02 3.39 -16.85
C PRO A 4 1.77 3.01 -15.57
N GLY A 5 2.88 2.33 -15.68
CA GLY A 5 3.67 1.93 -14.47
C GLY A 5 4.10 3.17 -13.67
N ALA A 6 4.19 4.31 -14.31
CA ALA A 6 4.61 5.58 -13.62
C ALA A 6 3.81 5.86 -12.34
N ALA A 7 2.52 5.64 -12.38
CA ALA A 7 1.67 5.88 -11.17
C ALA A 7 0.89 4.61 -10.76
N TYR A 8 1.37 3.43 -11.11
CA TYR A 8 0.65 2.19 -10.72
C TYR A 8 1.27 1.64 -9.44
N ALA A 9 2.57 1.49 -9.45
CA ALA A 9 3.30 0.98 -8.24
C ALA A 9 3.63 2.15 -7.29
N LEU A 10 3.61 3.36 -7.79
CA LEU A 10 3.91 4.55 -6.93
C LEU A 10 2.61 5.08 -6.31
N TYR A 11 1.61 5.26 -7.12
CA TYR A 11 0.29 5.78 -6.63
C TYR A 11 -0.62 4.66 -6.08
N GLY A 12 -0.12 3.44 -5.96
CA GLY A 12 -0.97 2.32 -5.44
C GLY A 12 -0.34 1.65 -4.21
N VAL A 13 0.53 2.32 -3.48
CA VAL A 13 1.16 1.68 -2.27
C VAL A 13 0.83 2.42 -0.97
N TRP A 14 0.34 3.64 -1.04
CA TRP A 14 -0.02 4.42 0.20
C TRP A 14 -1.05 3.67 1.06
N PRO A 15 -2.15 3.23 0.47
CA PRO A 15 -3.19 2.51 1.25
C PRO A 15 -2.66 1.16 1.73
N LEU A 16 -1.84 0.49 0.94
CA LEU A 16 -1.28 -0.83 1.37
C LEU A 16 -0.32 -0.58 2.53
N LEU A 17 0.49 0.45 2.44
CA LEU A 17 1.45 0.79 3.53
C LEU A 17 0.63 1.20 4.75
N LEU A 18 -0.43 1.95 4.52
CA LEU A 18 -1.31 2.39 5.65
C LEU A 18 -1.97 1.13 6.26
N LEU A 19 -2.35 0.19 5.41
CA LEU A 19 -2.97 -1.08 5.90
C LEU A 19 -1.89 -1.89 6.64
N LEU A 20 -0.69 -1.85 6.13
CA LEU A 20 0.47 -2.58 6.76
C LEU A 20 0.87 -1.89 8.06
N LEU A 21 0.87 -0.57 8.09
CA LEU A 21 1.24 0.18 9.33
C LEU A 21 0.25 -0.12 10.46
N ALA A 22 -1.01 -0.21 10.13
CA ALA A 22 -2.06 -0.51 11.14
C ALA A 22 -2.64 -1.92 10.89
N LEU A 23 -1.81 -2.87 10.53
CA LEU A 23 -2.30 -4.26 10.27
C LEU A 23 -2.52 -5.02 11.59
N PRO A 24 -3.59 -5.79 11.63
CA PRO A 24 -3.95 -6.59 12.83
C PRO A 24 -3.29 -8.00 12.78
N PRO A 25 -2.30 -8.22 13.63
CA PRO A 25 -1.60 -9.53 13.66
C PRO A 25 -2.46 -10.60 14.36
N ARG A 26 -2.38 -11.82 13.89
CA ARG A 26 -3.17 -12.93 14.50
C ARG A 26 -2.54 -14.29 14.16
N ALA A 27 -2.51 -14.68 12.91
CA ALA A 27 -1.90 -16.00 12.51
C ALA A 27 -1.42 -15.96 11.04
N TYR A 28 -0.79 -14.89 10.64
CA TYR A 28 -0.29 -14.77 9.24
C TYR A 28 1.05 -15.52 9.04
N ALA A 29 1.80 -15.72 10.10
CA ALA A 29 3.12 -16.44 10.04
C ALA A 29 4.19 -15.58 9.34
N ARG A 1 -5.72 10.11 -17.46
CA ARG A 1 -4.70 9.67 -16.46
C ARG A 1 -4.09 8.33 -16.88
N LEU A 2 -3.27 8.35 -17.89
CA LEU A 2 -2.61 7.10 -18.39
C LEU A 2 -1.15 7.07 -17.94
N VAL A 3 -0.91 6.75 -16.69
CA VAL A 3 0.50 6.70 -16.15
C VAL A 3 1.22 5.45 -16.68
N PRO A 4 2.53 5.56 -16.84
CA PRO A 4 3.35 4.43 -17.35
C PRO A 4 3.86 3.53 -16.19
N GLY A 5 3.04 3.30 -15.18
CA GLY A 5 3.49 2.44 -14.03
C GLY A 5 4.04 3.29 -12.89
N ALA A 6 4.73 4.37 -13.19
CA ALA A 6 5.32 5.27 -12.13
C ALA A 6 4.29 5.62 -11.03
N ALA A 7 3.12 6.03 -11.44
CA ALA A 7 2.06 6.39 -10.44
C ALA A 7 1.01 5.26 -10.32
N TYR A 8 1.41 4.04 -10.56
CA TYR A 8 0.45 2.90 -10.45
C TYR A 8 0.88 2.04 -9.27
N ALA A 9 2.10 1.56 -9.29
CA ALA A 9 2.61 0.72 -8.16
C ALA A 9 2.73 1.59 -6.90
N LEU A 10 3.21 2.79 -7.05
CA LEU A 10 3.36 3.74 -5.89
C LEU A 10 1.98 3.99 -5.26
N TYR A 11 1.03 4.40 -6.06
CA TYR A 11 -0.35 4.68 -5.53
C TYR A 11 -1.02 3.39 -5.03
N GLY A 12 -0.63 2.26 -5.55
CA GLY A 12 -1.23 0.95 -5.11
C GLY A 12 -0.50 0.41 -3.86
N VAL A 13 0.69 0.88 -3.56
CA VAL A 13 1.43 0.37 -2.36
C VAL A 13 1.41 1.40 -1.21
N TRP A 14 1.32 2.67 -1.51
CA TRP A 14 1.31 3.73 -0.44
C TRP A 14 0.20 3.47 0.61
N PRO A 15 -1.04 3.33 0.17
CA PRO A 15 -2.16 3.07 1.12
C PRO A 15 -2.04 1.66 1.72
N LEU A 16 -1.44 0.73 1.00
CA LEU A 16 -1.28 -0.66 1.54
C LEU A 16 -0.32 -0.61 2.73
N LEU A 17 0.75 0.13 2.62
CA LEU A 17 1.73 0.26 3.75
C LEU A 17 1.01 0.93 4.91
N LEU A 18 0.20 1.93 4.61
CA LEU A 18 -0.57 2.65 5.66
C LEU A 18 -1.53 1.64 6.30
N LEU A 19 -2.15 0.81 5.48
CA LEU A 19 -3.08 -0.24 6.00
C LEU A 19 -2.27 -1.24 6.82
N LEU A 20 -1.09 -1.57 6.36
CA LEU A 20 -0.18 -2.52 7.08
C LEU A 20 0.16 -1.95 8.47
N LEU A 21 0.41 -0.66 8.54
CA LEU A 21 0.75 -0.01 9.86
C LEU A 21 -0.44 -0.15 10.83
N ALA A 22 -1.63 -0.06 10.31
CA ALA A 22 -2.86 -0.18 11.16
C ALA A 22 -3.56 -1.52 10.85
N LEU A 23 -2.84 -2.60 10.88
CA LEU A 23 -3.44 -3.95 10.59
C LEU A 23 -3.32 -4.87 11.82
N PRO A 24 -4.44 -5.45 12.20
CA PRO A 24 -4.51 -6.36 13.36
C PRO A 24 -3.88 -7.77 13.14
N PRO A 25 -4.21 -8.50 12.08
CA PRO A 25 -3.61 -9.85 11.88
C PRO A 25 -2.12 -9.74 11.49
N ARG A 26 -1.50 -10.87 11.20
CA ARG A 26 -0.05 -10.87 10.80
C ARG A 26 0.32 -12.18 10.09
N ALA A 27 -0.07 -13.31 10.64
CA ALA A 27 0.25 -14.66 10.03
C ALA A 27 1.76 -14.81 9.72
N TYR A 28 2.60 -14.53 10.70
CA TYR A 28 4.08 -14.66 10.48
C TYR A 28 4.80 -14.88 11.82
N ALA A 29 4.57 -14.03 12.80
CA ALA A 29 5.23 -14.16 14.14
C ALA A 29 6.77 -14.05 14.02
N ARG A 1 13.39 13.94 -17.18
CA ARG A 1 11.91 13.73 -17.04
C ARG A 1 11.58 12.24 -17.17
N LEU A 2 11.04 11.64 -16.12
CA LEU A 2 10.70 10.18 -16.16
C LEU A 2 9.58 9.85 -15.15
N VAL A 3 8.56 9.15 -15.59
CA VAL A 3 7.43 8.77 -14.67
C VAL A 3 7.21 7.25 -14.71
N PRO A 4 7.32 6.62 -13.55
CA PRO A 4 7.13 5.14 -13.47
C PRO A 4 5.64 4.80 -13.58
N GLY A 5 5.14 4.65 -14.79
CA GLY A 5 3.70 4.32 -15.00
C GLY A 5 2.82 5.49 -14.54
N ALA A 6 3.28 6.70 -14.71
CA ALA A 6 2.52 7.92 -14.29
C ALA A 6 2.08 7.80 -12.82
N ALA A 7 2.95 7.29 -11.97
CA ALA A 7 2.65 7.11 -10.50
C ALA A 7 1.45 6.15 -10.28
N TYR A 8 1.37 5.07 -11.02
CA TYR A 8 0.24 4.10 -10.85
C TYR A 8 0.66 2.98 -9.88
N ALA A 9 1.88 2.51 -10.01
CA ALA A 9 2.39 1.43 -9.10
C ALA A 9 2.96 2.03 -7.80
N LEU A 10 2.70 3.30 -7.54
CA LEU A 10 3.20 3.96 -6.30
C LEU A 10 2.00 4.43 -5.47
N TYR A 11 1.11 5.16 -6.10
CA TYR A 11 -0.12 5.69 -5.41
C TYR A 11 -0.99 4.56 -4.82
N GLY A 12 -0.92 3.37 -5.36
CA GLY A 12 -1.71 2.22 -4.83
C GLY A 12 -0.88 1.38 -3.86
N VAL A 13 0.41 1.25 -4.12
CA VAL A 13 1.30 0.44 -3.22
C VAL A 13 1.65 1.22 -1.93
N TRP A 14 1.73 2.53 -2.01
CA TRP A 14 2.07 3.36 -0.80
C TRP A 14 1.04 3.09 0.32
N PRO A 15 -0.23 3.25 0.03
CA PRO A 15 -1.28 3.00 1.06
C PRO A 15 -1.36 1.51 1.41
N LEU A 16 -0.94 0.62 0.52
CA LEU A 16 -0.97 -0.84 0.83
C LEU A 16 -0.02 -1.13 1.99
N LEU A 17 1.15 -0.54 1.96
CA LEU A 17 2.14 -0.75 3.07
C LEU A 17 1.56 -0.09 4.32
N LEU A 18 0.92 1.03 4.16
CA LEU A 18 0.30 1.76 5.31
C LEU A 18 -0.81 0.85 5.88
N LEU A 19 -1.55 0.20 5.00
CA LEU A 19 -2.63 -0.73 5.43
C LEU A 19 -1.97 -1.95 6.08
N LEU A 20 -0.89 -2.41 5.51
CA LEU A 20 -0.13 -3.58 6.05
C LEU A 20 0.41 -3.22 7.45
N LEU A 21 0.94 -2.03 7.61
CA LEU A 21 1.48 -1.61 8.94
C LEU A 21 0.33 -1.54 9.96
N ALA A 22 -0.84 -1.17 9.51
CA ALA A 22 -2.02 -1.09 10.41
C ALA A 22 -2.81 -2.42 10.35
N LEU A 23 -2.13 -3.53 10.18
CA LEU A 23 -2.82 -4.86 10.11
C LEU A 23 -2.17 -5.88 11.06
N PRO A 24 -2.10 -5.50 12.32
CA PRO A 24 -1.50 -6.37 13.38
C PRO A 24 -2.42 -7.57 13.70
N PRO A 25 -1.81 -8.68 14.07
CA PRO A 25 -2.59 -9.90 14.41
C PRO A 25 -3.34 -9.73 15.75
N ARG A 26 -4.50 -10.31 15.85
CA ARG A 26 -5.32 -10.20 17.11
C ARG A 26 -5.26 -11.52 17.89
N ALA A 27 -4.08 -12.06 18.08
CA ALA A 27 -3.92 -13.35 18.84
C ALA A 27 -3.34 -13.07 20.25
N TYR A 28 -3.41 -11.83 20.69
CA TYR A 28 -2.88 -11.44 22.04
C TYR A 28 -3.29 -9.99 22.39
N ALA A 29 -3.23 -9.10 21.42
CA ALA A 29 -3.62 -7.68 21.66
C ALA A 29 -4.95 -7.37 20.95
#